data_2PA6
#
_entry.id   2PA6
#
_cell.length_a   148.783
_cell.length_b   148.783
_cell.length_c   91.197
_cell.angle_alpha   90.00
_cell.angle_beta   90.00
_cell.angle_gamma   90.00
#
_symmetry.space_group_name_H-M   'I 4'
#
loop_
_entity.id
_entity.type
_entity.pdbx_description
1 polymer Enolase
2 water water
#
_entity_poly.entity_id   1
_entity_poly.type   'polypeptide(L)'
_entity_poly.pdbx_seq_one_letter_code
;MLYNMDERFEIKDIVAREVIDSRGNPTVEVEVITKGNGYGSAIVPSGASTGTHEALELRDKEKRFGGKGVLMAVENVNSI
IRPEILGYDARMQREIDTIMIELDGTPNKSRLGANAILAVSLAVAKAAAATAKIPLYKYLGGFNSYVMPVPMMNVINGGK
HAGNDLDLQEFMIMPVGATSISEAVRMGSEVYHVLKNVILEKYGKNAVNVGDEGGFAPPLKTSREALDLLTESVKKAGYE
DEVVFALDAAASEFYKDGYYYVEGKKLTREELLDYYKALVDEYPIVSIEDPFHEEDFEGFAMITKELDIQIVGDDLFVTN
VERLRKGIEMKAANALLLKVNQIGTLSEAVDAAQLAFRNGYGVVVSHRSGETEDTTIADLSVALNSGQIKTGAPARGERT
AKYNQLIRIEQELGLSKYAGRNFRCPF
;
_entity_poly.pdbx_strand_id   A,B
#
# COMPACT_ATOMS: atom_id res chain seq x y z
N MET A 1 -8.66 -40.67 -12.09
CA MET A 1 -9.63 -40.87 -13.22
C MET A 1 -9.13 -40.14 -14.45
N LEU A 2 -9.08 -40.83 -15.58
CA LEU A 2 -8.59 -40.21 -16.81
C LEU A 2 -9.40 -39.02 -17.27
N TYR A 3 -10.68 -38.95 -16.90
CA TYR A 3 -11.50 -37.82 -17.32
C TYR A 3 -11.10 -36.52 -16.62
N ASN A 4 -10.25 -36.63 -15.60
CA ASN A 4 -9.79 -35.44 -14.89
C ASN A 4 -8.45 -34.96 -15.42
N MET A 5 -7.83 -35.73 -16.31
CA MET A 5 -6.56 -35.32 -16.88
C MET A 5 -6.83 -34.13 -17.79
N ASP A 6 -6.00 -33.10 -17.68
CA ASP A 6 -6.18 -31.91 -18.49
C ASP A 6 -4.85 -31.17 -18.60
N GLU A 7 -4.29 -31.19 -19.81
CA GLU A 7 -3.02 -30.55 -20.11
C GLU A 7 -3.02 -29.06 -19.76
N ARG A 8 -4.21 -28.45 -19.79
CA ARG A 8 -4.34 -27.03 -19.50
C ARG A 8 -3.79 -26.63 -18.13
N PHE A 9 -3.79 -27.55 -17.17
CA PHE A 9 -3.30 -27.23 -15.84
C PHE A 9 -1.80 -27.42 -15.67
N GLU A 10 -1.12 -27.89 -16.71
CA GLU A 10 0.32 -28.09 -16.62
C GLU A 10 1.00 -26.73 -16.49
N ILE A 11 1.99 -26.64 -15.60
CA ILE A 11 2.71 -25.40 -15.41
C ILE A 11 3.62 -25.18 -16.62
N LYS A 12 3.39 -24.07 -17.32
CA LYS A 12 4.17 -23.74 -18.51
C LYS A 12 5.43 -22.94 -18.16
N ASP A 13 5.30 -22.01 -17.23
CA ASP A 13 6.45 -21.20 -16.82
C ASP A 13 6.29 -20.63 -15.42
N ILE A 14 7.41 -20.34 -14.79
CA ILE A 14 7.45 -19.77 -13.44
C ILE A 14 8.59 -18.78 -13.43
N VAL A 15 8.36 -17.60 -12.85
CA VAL A 15 9.40 -16.58 -12.77
C VAL A 15 9.34 -15.88 -11.42
N ALA A 16 10.50 -15.70 -10.80
CA ALA A 16 10.59 -15.03 -9.52
C ALA A 16 11.42 -13.77 -9.68
N ARG A 17 11.12 -12.77 -8.86
CA ARG A 17 11.87 -11.52 -8.89
C ARG A 17 11.92 -10.88 -7.52
N GLU A 18 12.86 -9.96 -7.35
CA GLU A 18 13.01 -9.26 -6.09
C GLU A 18 12.30 -7.91 -6.18
N VAL A 19 11.34 -7.69 -5.28
CA VAL A 19 10.59 -6.45 -5.22
C VAL A 19 10.76 -5.93 -3.78
N ILE A 20 10.08 -4.85 -3.42
CA ILE A 20 10.19 -4.34 -2.05
C ILE A 20 8.86 -4.33 -1.32
N ASP A 21 8.90 -4.44 0.01
CA ASP A 21 7.69 -4.42 0.80
C ASP A 21 7.36 -3.01 1.30
N SER A 22 6.32 -2.92 2.11
CA SER A 22 5.84 -1.65 2.65
C SER A 22 6.81 -0.91 3.55
N ARG A 23 7.95 -1.51 3.84
CA ARG A 23 8.95 -0.85 4.67
C ARG A 23 10.23 -0.62 3.86
N GLY A 24 10.14 -0.86 2.56
CA GLY A 24 11.29 -0.65 1.69
C GLY A 24 12.30 -1.79 1.68
N ASN A 25 11.95 -2.91 2.31
CA ASN A 25 12.86 -4.05 2.35
C ASN A 25 12.51 -5.04 1.24
N PRO A 26 13.52 -5.74 0.70
CA PRO A 26 13.29 -6.71 -0.36
C PRO A 26 12.41 -7.88 0.02
N THR A 27 11.74 -8.46 -0.98
CA THR A 27 10.93 -9.63 -0.75
C THR A 27 10.74 -10.33 -2.08
N VAL A 28 10.19 -11.54 -2.03
CA VAL A 28 10.01 -12.33 -3.23
C VAL A 28 8.63 -12.31 -3.85
N GLU A 29 8.61 -12.17 -5.18
CA GLU A 29 7.37 -12.22 -5.93
C GLU A 29 7.54 -13.34 -6.95
N VAL A 30 6.50 -14.15 -7.11
CA VAL A 30 6.56 -15.24 -8.07
C VAL A 30 5.34 -15.24 -8.98
N GLU A 31 5.59 -15.47 -10.26
CA GLU A 31 4.55 -15.56 -11.29
C GLU A 31 4.50 -16.98 -11.81
N VAL A 32 3.30 -17.48 -12.06
CA VAL A 32 3.13 -18.81 -12.62
C VAL A 32 2.04 -18.78 -13.67
N ILE A 33 2.27 -19.45 -14.80
CA ILE A 33 1.26 -19.52 -15.83
C ILE A 33 1.17 -20.96 -16.32
N THR A 34 -0.05 -21.41 -16.60
CA THR A 34 -0.28 -22.78 -17.06
C THR A 34 -0.42 -22.81 -18.58
N LYS A 35 -0.44 -24.01 -19.14
CA LYS A 35 -0.58 -24.15 -20.58
C LYS A 35 -1.93 -23.62 -21.04
N GLY A 36 -2.91 -23.66 -20.13
CA GLY A 36 -4.23 -23.17 -20.45
C GLY A 36 -4.31 -21.67 -20.25
N ASN A 37 -3.15 -21.07 -20.05
CA ASN A 37 -3.04 -19.63 -19.84
C ASN A 37 -3.64 -19.11 -18.55
N GLY A 38 -3.65 -19.96 -17.52
CA GLY A 38 -4.15 -19.55 -16.22
C GLY A 38 -2.98 -18.87 -15.54
N TYR A 39 -3.17 -17.60 -15.16
CA TYR A 39 -2.11 -16.82 -14.53
C TYR A 39 -2.28 -16.58 -13.04
N GLY A 40 -1.18 -16.71 -12.31
CA GLY A 40 -1.18 -16.48 -10.87
C GLY A 40 0.08 -15.73 -10.48
N SER A 41 -0.05 -14.78 -9.56
CA SER A 41 1.08 -14.00 -9.10
C SER A 41 0.93 -13.73 -7.61
N ALA A 42 2.02 -13.87 -6.87
CA ALA A 42 1.97 -13.64 -5.43
C ALA A 42 3.27 -13.03 -4.91
N ILE A 43 3.13 -12.22 -3.86
CA ILE A 43 4.29 -11.61 -3.22
C ILE A 43 4.17 -12.02 -1.76
N VAL A 44 5.27 -12.47 -1.17
CA VAL A 44 5.23 -12.87 0.23
C VAL A 44 5.63 -11.69 1.12
N PRO A 45 5.04 -11.60 2.32
CA PRO A 45 5.39 -10.50 3.22
C PRO A 45 6.74 -10.81 3.84
N SER A 46 7.31 -9.86 4.57
CA SER A 46 8.59 -10.12 5.19
C SER A 46 8.38 -10.99 6.42
N GLY A 47 9.38 -11.77 6.76
CA GLY A 47 9.28 -12.63 7.93
C GLY A 47 10.57 -12.64 8.70
N ALA A 48 11.02 -13.82 9.07
CA ALA A 48 12.26 -13.93 9.82
C ALA A 48 13.19 -14.90 9.10
N SER A 49 14.47 -14.56 9.05
CA SER A 49 15.47 -15.38 8.43
C SER A 49 16.21 -16.15 9.52
N THR A 50 15.85 -15.85 10.76
CA THR A 50 16.45 -16.50 11.93
C THR A 50 15.34 -16.68 12.97
N GLY A 51 15.26 -17.88 13.56
CA GLY A 51 14.22 -18.14 14.55
C GLY A 51 14.27 -19.60 14.99
N THR A 52 13.80 -19.86 16.22
CA THR A 52 13.84 -21.20 16.78
C THR A 52 12.83 -22.25 16.30
N HIS A 53 11.66 -21.85 15.84
CA HIS A 53 10.68 -22.85 15.42
C HIS A 53 9.93 -22.59 14.12
N GLU A 54 9.90 -21.34 13.67
CA GLU A 54 9.17 -21.01 12.46
C GLU A 54 9.97 -21.29 11.18
N ALA A 55 9.29 -21.28 10.04
CA ALA A 55 9.97 -21.50 8.77
C ALA A 55 10.81 -20.24 8.57
N LEU A 56 12.02 -20.41 8.04
CA LEU A 56 12.91 -19.27 7.86
C LEU A 56 13.14 -18.78 6.43
N GLU A 57 13.03 -17.47 6.27
CA GLU A 57 13.27 -16.82 4.98
C GLU A 57 14.76 -16.88 4.70
N LEU A 58 15.13 -16.81 3.42
CA LEU A 58 16.53 -16.79 3.04
C LEU A 58 16.87 -15.36 2.66
N ARG A 59 17.82 -14.76 3.37
CA ARG A 59 18.27 -13.40 3.11
C ARG A 59 19.72 -13.49 2.62
N ASP A 60 20.08 -12.60 1.70
CA ASP A 60 21.43 -12.62 1.12
C ASP A 60 22.55 -12.22 2.07
N LYS A 61 22.24 -11.32 3.00
CA LYS A 61 23.22 -10.84 3.95
C LYS A 61 24.46 -10.28 3.25
N GLU A 62 24.21 -9.51 2.19
CA GLU A 62 25.29 -8.86 1.43
C GLU A 62 25.21 -7.38 1.75
N LYS A 63 26.10 -6.59 1.18
CA LYS A 63 26.12 -5.15 1.44
C LYS A 63 24.80 -4.46 1.06
N ARG A 64 24.27 -4.79 -0.12
CA ARG A 64 23.04 -4.17 -0.60
C ARG A 64 21.81 -4.40 0.27
N PHE A 65 20.95 -3.39 0.34
CA PHE A 65 19.71 -3.45 1.11
C PHE A 65 19.95 -3.82 2.58
N GLY A 66 21.07 -3.37 3.13
CA GLY A 66 21.38 -3.66 4.52
C GLY A 66 21.43 -5.15 4.82
N GLY A 67 21.83 -5.94 3.83
CA GLY A 67 21.93 -7.38 4.00
C GLY A 67 20.61 -8.12 3.92
N LYS A 68 19.56 -7.43 3.47
CA LYS A 68 18.23 -8.03 3.39
C LYS A 68 17.76 -8.39 1.97
N GLY A 69 18.70 -8.47 1.04
CA GLY A 69 18.32 -8.83 -0.32
C GLY A 69 17.81 -10.26 -0.38
N VAL A 70 17.01 -10.57 -1.39
CA VAL A 70 16.48 -11.93 -1.53
C VAL A 70 16.81 -12.50 -2.90
N LEU A 71 17.93 -12.06 -3.47
CA LEU A 71 18.35 -12.55 -4.78
C LEU A 71 18.62 -14.04 -4.76
N MET A 72 19.12 -14.55 -3.63
CA MET A 72 19.39 -15.99 -3.52
C MET A 72 18.08 -16.78 -3.54
N ALA A 73 17.09 -16.30 -2.79
CA ALA A 73 15.80 -16.97 -2.75
C ALA A 73 15.20 -16.94 -4.15
N VAL A 74 15.32 -15.79 -4.82
CA VAL A 74 14.79 -15.63 -6.17
C VAL A 74 15.48 -16.62 -7.11
N GLU A 75 16.79 -16.75 -6.99
CA GLU A 75 17.54 -17.66 -7.84
C GLU A 75 17.13 -19.10 -7.54
N ASN A 76 16.82 -19.39 -6.27
CA ASN A 76 16.40 -20.74 -5.91
C ASN A 76 15.11 -21.09 -6.65
N VAL A 77 14.21 -20.12 -6.77
CA VAL A 77 12.96 -20.37 -7.48
C VAL A 77 13.24 -20.57 -8.96
N ASN A 78 13.95 -19.63 -9.57
CA ASN A 78 14.23 -19.70 -10.99
C ASN A 78 15.12 -20.85 -11.46
N SER A 79 16.10 -21.24 -10.65
CA SER A 79 17.03 -22.30 -11.05
C SER A 79 16.92 -23.66 -10.36
N ILE A 80 16.37 -23.70 -9.16
CA ILE A 80 16.27 -24.96 -8.44
C ILE A 80 14.87 -25.55 -8.37
N ILE A 81 13.90 -24.75 -7.98
CA ILE A 81 12.52 -25.22 -7.89
C ILE A 81 11.86 -25.35 -9.26
N ARG A 82 11.98 -24.32 -10.09
CA ARG A 82 11.39 -24.30 -11.41
C ARG A 82 11.52 -25.58 -12.23
N PRO A 83 12.75 -26.06 -12.46
CA PRO A 83 12.89 -27.29 -13.25
C PRO A 83 12.21 -28.52 -12.67
N GLU A 84 12.02 -28.53 -11.35
CA GLU A 84 11.38 -29.68 -10.69
C GLU A 84 9.86 -29.67 -10.80
N ILE A 85 9.26 -28.51 -11.06
CA ILE A 85 7.80 -28.47 -11.18
C ILE A 85 7.26 -28.02 -12.53
N LEU A 86 8.13 -27.73 -13.49
CA LEU A 86 7.66 -27.35 -14.82
C LEU A 86 6.89 -28.53 -15.38
N GLY A 87 5.72 -28.26 -15.97
CA GLY A 87 4.91 -29.32 -16.55
C GLY A 87 4.04 -30.05 -15.56
N TYR A 88 4.18 -29.73 -14.27
CA TYR A 88 3.38 -30.40 -13.24
C TYR A 88 1.95 -29.87 -13.25
N ASP A 89 1.01 -30.75 -12.87
CA ASP A 89 -0.41 -30.40 -12.79
C ASP A 89 -0.58 -29.39 -11.65
N ALA A 90 -0.88 -28.15 -11.99
CA ALA A 90 -1.03 -27.10 -10.99
C ALA A 90 -2.10 -27.38 -9.93
N ARG A 91 -3.02 -28.30 -10.24
CA ARG A 91 -4.08 -28.64 -9.29
C ARG A 91 -3.55 -29.47 -8.12
N MET A 92 -2.40 -30.11 -8.33
CA MET A 92 -1.78 -30.97 -7.32
C MET A 92 -0.99 -30.14 -6.32
N GLN A 93 -1.68 -29.25 -5.63
CA GLN A 93 -1.06 -28.36 -4.65
C GLN A 93 -0.21 -29.08 -3.61
N ARG A 94 -0.78 -30.06 -2.94
CA ARG A 94 -0.04 -30.78 -1.92
C ARG A 94 1.20 -31.47 -2.46
N GLU A 95 1.11 -32.00 -3.67
CA GLU A 95 2.26 -32.68 -4.29
C GLU A 95 3.37 -31.68 -4.60
N ILE A 96 2.99 -30.51 -5.10
CA ILE A 96 3.96 -29.48 -5.44
C ILE A 96 4.59 -28.92 -4.17
N ASP A 97 3.79 -28.71 -3.12
CA ASP A 97 4.34 -28.20 -1.87
C ASP A 97 5.31 -29.23 -1.28
N THR A 98 4.96 -30.50 -1.39
CA THR A 98 5.80 -31.58 -0.87
C THR A 98 7.12 -31.67 -1.64
N ILE A 99 7.06 -31.50 -2.96
CA ILE A 99 8.26 -31.54 -3.76
C ILE A 99 9.22 -30.45 -3.30
N MET A 100 8.70 -29.25 -3.03
CA MET A 100 9.53 -28.14 -2.56
C MET A 100 10.08 -28.40 -1.16
N ILE A 101 9.23 -28.90 -0.27
CA ILE A 101 9.65 -29.21 1.09
C ILE A 101 10.77 -30.25 1.09
N GLU A 102 10.64 -31.28 0.26
CA GLU A 102 11.65 -32.32 0.17
C GLU A 102 12.92 -31.85 -0.53
N LEU A 103 12.77 -31.02 -1.55
CA LEU A 103 13.92 -30.50 -2.28
C LEU A 103 14.78 -29.68 -1.31
N ASP A 104 14.14 -28.88 -0.46
CA ASP A 104 14.86 -28.08 0.53
C ASP A 104 15.62 -29.03 1.47
N GLY A 105 14.91 -30.00 2.02
CA GLY A 105 15.55 -30.98 2.87
C GLY A 105 15.63 -30.69 4.37
N THR A 106 15.39 -29.43 4.75
CA THR A 106 15.44 -29.08 6.17
C THR A 106 14.01 -28.85 6.68
N PRO A 107 13.78 -29.10 7.97
CA PRO A 107 12.45 -28.92 8.58
C PRO A 107 11.88 -27.50 8.48
N ASN A 108 12.76 -26.50 8.64
CA ASN A 108 12.31 -25.12 8.60
C ASN A 108 12.58 -24.37 7.28
N LYS A 109 12.75 -25.11 6.20
CA LYS A 109 12.97 -24.51 4.88
C LYS A 109 14.11 -23.50 4.85
N SER A 110 15.13 -23.70 5.69
CA SER A 110 16.25 -22.77 5.75
C SER A 110 17.22 -22.79 4.57
N ARG A 111 17.21 -23.88 3.80
CA ARG A 111 18.13 -23.99 2.66
C ARG A 111 17.70 -23.18 1.45
N LEU A 112 16.49 -23.41 0.95
CA LEU A 112 16.01 -22.68 -0.21
C LEU A 112 15.30 -21.39 0.20
N GLY A 113 14.79 -21.37 1.42
CA GLY A 113 14.11 -20.19 1.92
C GLY A 113 12.60 -20.32 1.95
N ALA A 114 12.01 -20.03 3.10
CA ALA A 114 10.57 -20.10 3.25
C ALA A 114 9.91 -19.08 2.34
N ASN A 115 10.61 -17.99 2.05
CA ASN A 115 10.07 -16.96 1.18
C ASN A 115 10.02 -17.44 -0.26
N ALA A 116 11.05 -18.16 -0.70
CA ALA A 116 11.05 -18.68 -2.06
C ALA A 116 9.96 -19.74 -2.21
N ILE A 117 9.89 -20.65 -1.25
CA ILE A 117 8.92 -21.73 -1.30
C ILE A 117 7.47 -21.24 -1.21
N LEU A 118 7.17 -20.36 -0.26
CA LEU A 118 5.80 -19.85 -0.12
C LEU A 118 5.34 -19.08 -1.36
N ALA A 119 6.23 -18.25 -1.92
CA ALA A 119 5.87 -17.47 -3.11
C ALA A 119 5.40 -18.39 -4.23
N VAL A 120 6.12 -19.49 -4.44
CA VAL A 120 5.74 -20.45 -5.47
C VAL A 120 4.43 -21.13 -5.11
N SER A 121 4.30 -21.53 -3.85
CA SER A 121 3.12 -22.20 -3.37
C SER A 121 1.85 -21.38 -3.60
N LEU A 122 1.91 -20.09 -3.28
CA LEU A 122 0.75 -19.22 -3.47
C LEU A 122 0.46 -18.96 -4.96
N ALA A 123 1.51 -18.71 -5.74
CA ALA A 123 1.34 -18.43 -7.16
C ALA A 123 0.74 -19.63 -7.91
N VAL A 124 1.15 -20.83 -7.52
CA VAL A 124 0.64 -22.04 -8.16
C VAL A 124 -0.87 -22.17 -7.92
N ALA A 125 -1.29 -21.98 -6.68
CA ALA A 125 -2.71 -22.05 -6.33
C ALA A 125 -3.52 -21.05 -7.15
N LYS A 126 -3.03 -19.81 -7.23
CA LYS A 126 -3.73 -18.77 -7.99
C LYS A 126 -3.83 -19.13 -9.48
N ALA A 127 -2.76 -19.70 -10.03
CA ALA A 127 -2.75 -20.08 -11.43
C ALA A 127 -3.70 -21.24 -11.71
N ALA A 128 -3.81 -22.16 -10.76
CA ALA A 128 -4.71 -23.31 -10.93
C ALA A 128 -6.15 -22.82 -10.90
N ALA A 129 -6.47 -21.94 -9.95
CA ALA A 129 -7.81 -21.38 -9.82
C ALA A 129 -8.18 -20.63 -11.09
N ALA A 130 -7.24 -19.85 -11.60
CA ALA A 130 -7.44 -19.07 -12.81
C ALA A 130 -7.69 -19.97 -14.01
N THR A 131 -7.02 -21.11 -14.05
CA THR A 131 -7.20 -22.06 -15.16
C THR A 131 -8.58 -22.72 -15.07
N ALA A 132 -9.01 -23.02 -13.85
CA ALA A 132 -10.30 -23.66 -13.62
C ALA A 132 -11.44 -22.66 -13.74
N LYS A 133 -11.09 -21.38 -13.66
CA LYS A 133 -12.06 -20.29 -13.73
C LYS A 133 -13.00 -20.36 -12.53
N ILE A 134 -12.40 -20.59 -11.36
CA ILE A 134 -13.13 -20.66 -10.10
C ILE A 134 -12.54 -19.56 -9.22
N PRO A 135 -13.39 -18.73 -8.59
CA PRO A 135 -12.87 -17.65 -7.74
C PRO A 135 -11.83 -18.23 -6.77
N LEU A 136 -10.75 -17.49 -6.55
CA LEU A 136 -9.68 -17.96 -5.68
C LEU A 136 -10.13 -18.56 -4.35
N TYR A 137 -11.01 -17.87 -3.62
CA TYR A 137 -11.46 -18.40 -2.33
C TYR A 137 -12.26 -19.71 -2.46
N LYS A 138 -12.94 -19.89 -3.59
CA LYS A 138 -13.71 -21.12 -3.83
C LYS A 138 -12.76 -22.26 -4.15
N TYR A 139 -11.68 -21.93 -4.85
CA TYR A 139 -10.71 -22.94 -5.21
C TYR A 139 -9.95 -23.39 -3.97
N LEU A 140 -9.60 -22.43 -3.12
CA LEU A 140 -8.88 -22.74 -1.90
C LEU A 140 -9.70 -23.48 -0.85
N GLY A 141 -10.95 -23.05 -0.64
CA GLY A 141 -11.77 -23.69 0.38
C GLY A 141 -12.96 -24.50 -0.05
N GLY A 142 -13.16 -24.69 -1.35
CA GLY A 142 -14.30 -25.46 -1.79
C GLY A 142 -15.50 -24.55 -2.02
N PHE A 143 -16.60 -25.12 -2.51
CA PHE A 143 -17.79 -24.35 -2.80
C PHE A 143 -18.35 -23.60 -1.60
N ASN A 144 -18.21 -24.17 -0.41
CA ASN A 144 -18.76 -23.57 0.79
C ASN A 144 -17.85 -22.54 1.47
N SER A 145 -17.32 -21.60 0.69
CA SER A 145 -16.48 -20.53 1.20
C SER A 145 -17.33 -19.28 1.02
N TYR A 146 -17.80 -18.69 2.13
CA TYR A 146 -18.69 -17.54 2.02
C TYR A 146 -18.73 -16.62 3.23
N VAL A 147 -17.95 -16.93 4.26
CA VAL A 147 -17.97 -16.11 5.46
C VAL A 147 -16.94 -14.98 5.40
N MET A 148 -17.42 -13.76 5.52
CA MET A 148 -16.53 -12.60 5.51
C MET A 148 -16.05 -12.43 6.95
N PRO A 149 -14.73 -12.23 7.14
CA PRO A 149 -14.17 -12.06 8.48
C PRO A 149 -14.36 -10.71 9.15
N VAL A 150 -14.36 -10.73 10.47
CA VAL A 150 -14.45 -9.49 11.25
C VAL A 150 -13.00 -9.03 11.31
N PRO A 151 -12.73 -7.79 10.89
CA PRO A 151 -11.35 -7.30 10.94
C PRO A 151 -10.93 -6.75 12.30
N MET A 152 -9.74 -7.13 12.75
CA MET A 152 -9.19 -6.62 14.01
C MET A 152 -8.23 -5.54 13.53
N MET A 153 -8.57 -4.27 13.76
CA MET A 153 -7.74 -3.16 13.29
C MET A 153 -6.88 -2.49 14.37
N ASN A 154 -5.56 -2.61 14.20
CA ASN A 154 -4.58 -2.04 15.14
C ASN A 154 -4.46 -0.53 14.92
N VAL A 155 -5.30 0.23 15.63
CA VAL A 155 -5.31 1.68 15.49
C VAL A 155 -4.48 2.47 16.51
N ILE A 156 -4.14 1.83 17.63
CA ILE A 156 -3.30 2.47 18.64
C ILE A 156 -2.12 1.53 18.90
N ASN A 157 -0.92 2.01 18.59
CA ASN A 157 0.31 1.25 18.72
C ASN A 157 1.01 1.43 20.06
N GLY A 158 1.63 0.36 20.54
CA GLY A 158 2.36 0.39 21.79
C GLY A 158 3.64 -0.42 21.62
N GLY A 159 4.38 -0.62 22.69
CA GLY A 159 5.62 -1.37 22.59
C GLY A 159 6.80 -0.44 22.43
N LYS A 160 8.01 -1.00 22.51
CA LYS A 160 9.24 -0.21 22.41
C LYS A 160 9.52 0.53 21.10
N HIS A 161 8.88 0.14 20.00
CA HIS A 161 9.14 0.81 18.73
C HIS A 161 7.98 1.69 18.29
N ALA A 162 6.96 1.81 19.14
CA ALA A 162 5.80 2.62 18.82
C ALA A 162 6.15 4.10 18.93
N GLY A 163 6.94 4.46 19.94
CA GLY A 163 7.31 5.84 20.15
C GLY A 163 6.89 6.32 21.53
N ASN A 164 5.74 5.83 21.99
CA ASN A 164 5.19 6.20 23.29
C ASN A 164 5.65 5.27 24.40
N ASP A 165 4.99 5.36 25.55
CA ASP A 165 5.32 4.56 26.72
C ASP A 165 4.34 3.41 27.00
N LEU A 166 3.59 3.00 25.98
CA LEU A 166 2.65 1.90 26.15
C LEU A 166 3.40 0.58 26.11
N ASP A 167 3.07 -0.32 27.04
CA ASP A 167 3.71 -1.62 27.13
C ASP A 167 3.11 -2.63 26.17
N LEU A 168 1.77 -2.67 26.09
CA LEU A 168 1.10 -3.59 25.18
C LEU A 168 1.35 -3.12 23.75
N GLN A 169 1.49 -4.07 22.83
CA GLN A 169 1.81 -3.76 21.45
C GLN A 169 0.68 -3.26 20.55
N GLU A 170 -0.48 -3.89 20.61
CA GLU A 170 -1.58 -3.48 19.73
C GLU A 170 -2.94 -3.33 20.41
N PHE A 171 -3.58 -2.20 20.15
CA PHE A 171 -4.91 -1.91 20.68
C PHE A 171 -5.77 -1.84 19.41
N MET A 172 -6.62 -2.86 19.25
CA MET A 172 -7.46 -2.97 18.07
C MET A 172 -8.95 -2.85 18.29
N ILE A 173 -9.66 -2.48 17.23
CA ILE A 173 -11.11 -2.37 17.27
C ILE A 173 -11.65 -3.47 16.36
N MET A 174 -12.78 -4.05 16.72
CA MET A 174 -13.41 -5.13 15.96
C MET A 174 -14.88 -4.80 15.76
N PRO A 175 -15.29 -4.46 14.52
CA PRO A 175 -16.70 -4.13 14.26
C PRO A 175 -17.59 -5.36 14.15
N VAL A 176 -17.72 -6.08 15.27
CA VAL A 176 -18.53 -7.30 15.31
C VAL A 176 -20.01 -7.00 15.05
N GLY A 177 -20.42 -5.76 15.29
CA GLY A 177 -21.82 -5.39 15.09
C GLY A 177 -22.19 -4.98 13.67
N ALA A 178 -21.20 -4.90 12.79
CA ALA A 178 -21.48 -4.54 11.40
C ALA A 178 -22.28 -5.69 10.77
N THR A 179 -22.98 -5.40 9.69
CA THR A 179 -23.78 -6.43 9.01
C THR A 179 -23.15 -6.92 7.72
N SER A 180 -21.98 -6.37 7.38
CA SER A 180 -21.26 -6.76 6.18
C SER A 180 -19.79 -6.35 6.31
N ILE A 181 -18.93 -6.89 5.46
CA ILE A 181 -17.52 -6.53 5.52
C ILE A 181 -17.40 -5.10 5.03
N SER A 182 -18.28 -4.71 4.11
CA SER A 182 -18.27 -3.34 3.59
C SER A 182 -18.53 -2.37 4.73
N GLU A 183 -19.54 -2.67 5.54
CA GLU A 183 -19.88 -1.82 6.67
C GLU A 183 -18.77 -1.86 7.73
N ALA A 184 -18.19 -3.03 7.95
CA ALA A 184 -17.12 -3.18 8.93
C ALA A 184 -15.95 -2.28 8.56
N VAL A 185 -15.59 -2.25 7.27
CA VAL A 185 -14.48 -1.42 6.83
C VAL A 185 -14.82 0.05 7.04
N ARG A 186 -16.06 0.43 6.75
CA ARG A 186 -16.46 1.82 6.94
C ARG A 186 -16.43 2.21 8.42
N MET A 187 -16.97 1.36 9.28
CA MET A 187 -16.96 1.66 10.71
C MET A 187 -15.54 1.85 11.20
N GLY A 188 -14.65 0.95 10.76
CA GLY A 188 -13.25 1.04 11.16
C GLY A 188 -12.62 2.34 10.71
N SER A 189 -12.88 2.72 9.46
CA SER A 189 -12.31 3.95 8.91
C SER A 189 -12.85 5.19 9.63
N GLU A 190 -14.14 5.19 9.93
CA GLU A 190 -14.76 6.32 10.61
C GLU A 190 -14.20 6.47 12.03
N VAL A 191 -14.02 5.35 12.73
CA VAL A 191 -13.48 5.38 14.08
C VAL A 191 -12.02 5.85 14.01
N TYR A 192 -11.29 5.35 13.03
CA TYR A 192 -9.90 5.72 12.82
C TYR A 192 -9.77 7.23 12.64
N HIS A 193 -10.65 7.80 11.82
CA HIS A 193 -10.62 9.25 11.58
C HIS A 193 -11.06 10.08 12.79
N VAL A 194 -12.00 9.58 13.58
CA VAL A 194 -12.43 10.29 14.78
C VAL A 194 -11.23 10.28 15.74
N LEU A 195 -10.60 9.11 15.84
CA LEU A 195 -9.43 8.93 16.70
C LEU A 195 -8.31 9.89 16.30
N LYS A 196 -8.08 10.01 15.00
CA LYS A 196 -7.05 10.90 14.49
C LYS A 196 -7.28 12.33 14.96
N ASN A 197 -8.53 12.79 14.86
CA ASN A 197 -8.86 14.15 15.26
C ASN A 197 -8.82 14.36 16.77
N VAL A 198 -9.21 13.34 17.52
CA VAL A 198 -9.17 13.44 18.98
C VAL A 198 -7.70 13.61 19.39
N ILE A 199 -6.83 12.81 18.79
CA ILE A 199 -5.40 12.87 19.08
C ILE A 199 -4.83 14.23 18.67
N LEU A 200 -5.22 14.70 17.50
CA LEU A 200 -4.73 15.97 16.97
C LEU A 200 -5.14 17.12 17.90
N GLU A 201 -6.41 17.15 18.30
CA GLU A 201 -6.88 18.22 19.17
C GLU A 201 -6.29 18.15 20.57
N LYS A 202 -6.05 16.94 21.06
CA LYS A 202 -5.52 16.77 22.40
C LYS A 202 -3.99 16.72 22.51
N TYR A 203 -3.31 16.19 21.50
CA TYR A 203 -1.86 16.08 21.57
C TYR A 203 -1.05 16.87 20.55
N GLY A 204 -1.72 17.59 19.65
CA GLY A 204 -0.99 18.38 18.67
C GLY A 204 -0.88 17.80 17.27
N LYS A 205 -0.50 18.65 16.32
CA LYS A 205 -0.37 18.26 14.92
C LYS A 205 0.85 17.39 14.63
N ASN A 206 1.69 17.17 15.65
CA ASN A 206 2.88 16.35 15.48
C ASN A 206 2.65 14.93 16.03
N ALA A 207 1.43 14.63 16.46
CA ALA A 207 1.15 13.32 17.03
C ALA A 207 0.33 12.37 16.14
N VAL A 208 0.13 12.72 14.87
CA VAL A 208 -0.68 11.85 14.01
C VAL A 208 0.00 11.11 12.86
N ASN A 209 1.33 10.95 12.94
CA ASN A 209 2.03 10.18 11.92
C ASN A 209 1.78 8.72 12.29
N VAL A 210 1.91 7.81 11.33
CA VAL A 210 1.59 6.41 11.59
C VAL A 210 2.74 5.40 11.66
N GLY A 211 2.46 4.28 12.32
CA GLY A 211 3.43 3.21 12.46
C GLY A 211 3.39 2.30 11.24
N ASP A 212 4.16 1.22 11.29
CA ASP A 212 4.21 0.28 10.17
C ASP A 212 2.87 -0.26 9.70
N GLU A 213 1.93 -0.44 10.63
CA GLU A 213 0.62 -0.97 10.25
C GLU A 213 -0.48 0.06 10.10
N GLY A 214 -0.10 1.34 10.08
CA GLY A 214 -1.08 2.40 9.88
C GLY A 214 -1.73 2.98 11.12
N GLY A 215 -1.43 2.42 12.28
CA GLY A 215 -2.01 2.92 13.52
C GLY A 215 -1.29 4.14 14.05
N PHE A 216 -1.87 4.76 15.07
CA PHE A 216 -1.29 5.94 15.68
C PHE A 216 -0.50 5.58 16.93
N ALA A 217 0.38 6.47 17.35
CA ALA A 217 1.18 6.25 18.53
C ALA A 217 1.08 7.47 19.45
N PRO A 218 -0.12 7.71 20.01
CA PRO A 218 -0.28 8.87 20.90
C PRO A 218 0.62 8.71 22.14
N PRO A 219 1.01 9.84 22.75
CA PRO A 219 1.88 9.84 23.94
C PRO A 219 1.20 9.34 25.22
N LEU A 220 0.88 8.05 25.24
CA LEU A 220 0.23 7.46 26.41
C LEU A 220 1.18 6.54 27.16
N LYS A 221 0.83 6.19 28.40
CA LYS A 221 1.69 5.32 29.19
C LYS A 221 0.99 4.16 29.88
N THR A 222 -0.35 4.14 29.88
CA THR A 222 -1.07 3.04 30.50
C THR A 222 -2.11 2.47 29.55
N SER A 223 -2.41 1.18 29.74
CA SER A 223 -3.40 0.52 28.90
C SER A 223 -4.76 1.19 29.04
N ARG A 224 -5.10 1.63 30.25
CA ARG A 224 -6.38 2.29 30.47
C ARG A 224 -6.49 3.60 29.70
N GLU A 225 -5.37 4.31 29.55
CA GLU A 225 -5.37 5.56 28.79
C GLU A 225 -5.65 5.24 27.32
N ALA A 226 -5.01 4.19 26.82
CA ALA A 226 -5.20 3.77 25.44
C ALA A 226 -6.62 3.29 25.19
N LEU A 227 -7.13 2.48 26.12
CA LEU A 227 -8.49 1.96 26.00
C LEU A 227 -9.54 3.05 26.20
N ASP A 228 -9.22 4.07 27.01
CA ASP A 228 -10.15 5.16 27.24
C ASP A 228 -10.24 5.98 25.94
N LEU A 229 -9.10 6.13 25.27
CA LEU A 229 -9.04 6.87 24.02
C LEU A 229 -9.85 6.15 22.95
N LEU A 230 -9.71 4.84 22.88
CA LEU A 230 -10.47 4.07 21.89
C LEU A 230 -11.96 4.19 22.20
N THR A 231 -12.31 4.07 23.47
CA THR A 231 -13.71 4.17 23.88
C THR A 231 -14.28 5.52 23.48
N GLU A 232 -13.51 6.57 23.72
CA GLU A 232 -13.92 7.93 23.39
C GLU A 232 -14.15 8.04 21.89
N SER A 233 -13.23 7.49 21.11
CA SER A 233 -13.33 7.55 19.65
C SER A 233 -14.50 6.73 19.12
N VAL A 234 -14.67 5.52 19.64
CA VAL A 234 -15.77 4.66 19.21
C VAL A 234 -17.11 5.31 19.53
N LYS A 235 -17.24 5.83 20.75
CA LYS A 235 -18.48 6.48 21.14
C LYS A 235 -18.80 7.67 20.23
N LYS A 236 -17.81 8.51 19.98
CA LYS A 236 -17.99 9.69 19.14
C LYS A 236 -18.27 9.31 17.67
N ALA A 237 -17.73 8.17 17.24
CA ALA A 237 -17.96 7.72 15.87
C ALA A 237 -19.38 7.21 15.73
N GLY A 238 -20.00 6.88 16.87
CA GLY A 238 -21.36 6.39 16.88
C GLY A 238 -21.52 4.87 16.83
N TYR A 239 -20.44 4.14 17.09
CA TYR A 239 -20.49 2.68 17.02
C TYR A 239 -20.22 1.96 18.33
N GLU A 240 -20.60 2.59 19.44
CA GLU A 240 -20.40 2.00 20.76
C GLU A 240 -20.97 0.59 20.86
N ASP A 241 -22.12 0.35 20.25
CA ASP A 241 -22.75 -0.97 20.33
C ASP A 241 -22.35 -1.98 19.26
N GLU A 242 -21.52 -1.57 18.31
CA GLU A 242 -21.11 -2.49 17.25
C GLU A 242 -19.61 -2.77 17.26
N VAL A 243 -18.86 -2.02 18.05
CA VAL A 243 -17.41 -2.21 18.10
C VAL A 243 -16.90 -2.69 19.45
N VAL A 244 -16.09 -3.75 19.43
CA VAL A 244 -15.48 -4.30 20.63
C VAL A 244 -13.97 -4.19 20.46
N PHE A 245 -13.21 -4.52 21.50
CA PHE A 245 -11.76 -4.42 21.43
C PHE A 245 -11.01 -5.74 21.46
N ALA A 246 -9.81 -5.74 20.87
CA ALA A 246 -8.95 -6.89 20.85
C ALA A 246 -7.55 -6.35 21.17
N LEU A 247 -6.78 -7.10 21.93
CA LEU A 247 -5.44 -6.65 22.28
C LEU A 247 -4.39 -7.66 21.86
N ASP A 248 -3.19 -7.15 21.54
CA ASP A 248 -2.06 -8.00 21.22
C ASP A 248 -1.02 -7.53 22.23
N ALA A 249 -0.91 -8.24 23.34
CA ALA A 249 0.01 -7.86 24.39
C ALA A 249 1.47 -8.06 23.99
N ALA A 250 1.75 -9.13 23.24
CA ALA A 250 3.11 -9.44 22.83
C ALA A 250 3.95 -9.34 24.11
N ALA A 251 3.45 -9.99 25.15
CA ALA A 251 4.06 -9.99 26.49
C ALA A 251 5.53 -10.36 26.54
N SER A 252 6.01 -11.16 25.59
CA SER A 252 7.42 -11.54 25.59
C SER A 252 8.30 -10.29 25.54
N GLU A 253 7.78 -9.23 24.91
CA GLU A 253 8.52 -7.99 24.75
C GLU A 253 8.80 -7.22 26.04
N PHE A 254 7.92 -7.36 27.03
CA PHE A 254 8.15 -6.66 28.29
C PHE A 254 8.37 -7.62 29.45
N TYR A 255 8.77 -8.85 29.10
CA TYR A 255 9.05 -9.87 30.09
C TYR A 255 10.57 -10.03 30.20
N LYS A 256 11.07 -10.11 31.42
CA LYS A 256 12.50 -10.26 31.61
C LYS A 256 12.86 -10.83 32.97
N ASP A 257 13.67 -11.89 32.96
CA ASP A 257 14.14 -12.54 34.17
C ASP A 257 13.05 -12.80 35.21
N GLY A 258 12.00 -13.50 34.78
CA GLY A 258 10.91 -13.84 35.69
C GLY A 258 9.82 -12.81 35.95
N TYR A 259 9.94 -11.61 35.40
CA TYR A 259 8.90 -10.60 35.64
C TYR A 259 8.44 -9.82 34.42
N TYR A 260 7.23 -9.30 34.50
CA TYR A 260 6.65 -8.48 33.44
C TYR A 260 6.70 -7.03 33.90
N TYR A 261 7.34 -6.17 33.10
CA TYR A 261 7.43 -4.76 33.44
C TYR A 261 6.33 -3.97 32.77
N VAL A 262 5.25 -3.77 33.51
CA VAL A 262 4.07 -3.05 33.02
C VAL A 262 3.80 -1.80 33.83
N GLU A 263 3.66 -0.67 33.14
CA GLU A 263 3.38 0.62 33.75
C GLU A 263 4.26 0.91 34.96
N GLY A 264 5.56 0.75 34.77
CA GLY A 264 6.51 1.02 35.83
C GLY A 264 6.48 0.09 37.03
N LYS A 265 5.91 -1.09 36.86
CA LYS A 265 5.83 -2.05 37.95
C LYS A 265 6.33 -3.43 37.51
N LYS A 266 6.85 -4.20 38.45
CA LYS A 266 7.34 -5.56 38.17
C LYS A 266 6.26 -6.52 38.60
N LEU A 267 5.67 -7.21 37.64
CA LEU A 267 4.58 -8.14 37.94
C LEU A 267 4.93 -9.60 37.68
N THR A 268 4.38 -10.47 38.52
CA THR A 268 4.58 -11.89 38.36
C THR A 268 3.49 -12.31 37.38
N ARG A 269 3.51 -13.57 36.94
CA ARG A 269 2.47 -14.02 36.01
C ARG A 269 1.07 -13.80 36.59
N GLU A 270 0.88 -14.20 37.84
CA GLU A 270 -0.42 -14.05 38.51
C GLU A 270 -0.88 -12.61 38.55
N GLU A 271 0.05 -11.71 38.84
CA GLU A 271 -0.26 -10.29 38.91
C GLU A 271 -0.65 -9.73 37.55
N LEU A 272 0.03 -10.19 36.51
CA LEU A 272 -0.30 -9.72 35.15
C LEU A 272 -1.66 -10.30 34.76
N LEU A 273 -1.95 -11.51 35.21
CA LEU A 273 -3.22 -12.15 34.92
C LEU A 273 -4.36 -11.33 35.51
N ASP A 274 -4.19 -10.87 36.75
CA ASP A 274 -5.22 -10.06 37.39
C ASP A 274 -5.31 -8.71 36.68
N TYR A 275 -4.18 -8.27 36.14
CA TYR A 275 -4.11 -7.01 35.41
C TYR A 275 -5.02 -7.14 34.19
N TYR A 276 -4.90 -8.26 33.49
CA TYR A 276 -5.74 -8.51 32.32
C TYR A 276 -7.20 -8.67 32.75
N LYS A 277 -7.44 -9.38 33.84
CA LYS A 277 -8.81 -9.58 34.32
C LYS A 277 -9.52 -8.24 34.55
N ALA A 278 -8.83 -7.30 35.19
CA ALA A 278 -9.44 -5.99 35.45
C ALA A 278 -9.80 -5.26 34.16
N LEU A 279 -8.89 -5.30 33.19
CA LEU A 279 -9.16 -4.64 31.90
C LEU A 279 -10.38 -5.23 31.21
N VAL A 280 -10.48 -6.55 31.22
CA VAL A 280 -11.60 -7.23 30.59
C VAL A 280 -12.91 -6.91 31.33
N ASP A 281 -12.83 -6.65 32.63
CA ASP A 281 -14.02 -6.32 33.40
C ASP A 281 -14.44 -4.87 33.17
N GLU A 282 -13.49 -4.04 32.76
CA GLU A 282 -13.76 -2.62 32.54
C GLU A 282 -14.04 -2.23 31.09
N TYR A 283 -13.57 -3.03 30.14
CA TYR A 283 -13.75 -2.76 28.72
C TYR A 283 -14.22 -3.98 27.95
N PRO A 284 -14.86 -3.77 26.79
CA PRO A 284 -15.35 -4.88 25.96
C PRO A 284 -14.23 -5.55 25.17
N ILE A 285 -13.24 -6.07 25.90
CA ILE A 285 -12.13 -6.76 25.27
C ILE A 285 -12.58 -8.21 25.06
N VAL A 286 -12.68 -8.61 23.79
CA VAL A 286 -13.13 -9.96 23.46
C VAL A 286 -11.99 -10.90 23.05
N SER A 287 -10.79 -10.37 22.94
CA SER A 287 -9.64 -11.18 22.55
C SER A 287 -8.31 -10.59 23.01
N ILE A 288 -7.42 -11.46 23.48
CA ILE A 288 -6.09 -11.05 23.93
C ILE A 288 -5.06 -11.98 23.31
N GLU A 289 -4.14 -11.40 22.55
CA GLU A 289 -3.09 -12.15 21.87
C GLU A 289 -1.82 -12.10 22.71
N ASP A 290 -1.16 -13.25 22.85
CA ASP A 290 0.08 -13.37 23.61
C ASP A 290 0.09 -12.66 24.95
N PRO A 291 -0.80 -13.07 25.87
CA PRO A 291 -0.85 -12.43 27.20
C PRO A 291 0.41 -12.69 28.03
N PHE A 292 1.11 -13.78 27.73
CA PHE A 292 2.33 -14.15 28.46
C PHE A 292 3.48 -14.44 27.50
N HIS A 293 4.69 -14.65 28.03
CA HIS A 293 5.82 -14.91 27.14
C HIS A 293 5.66 -16.18 26.32
N GLU A 294 6.34 -16.19 25.17
CA GLU A 294 6.28 -17.29 24.20
C GLU A 294 6.54 -18.72 24.63
N GLU A 295 6.92 -18.93 25.90
CA GLU A 295 7.15 -20.31 26.36
C GLU A 295 6.28 -20.66 27.56
N ASP A 296 5.47 -19.71 28.03
CA ASP A 296 4.63 -19.97 29.19
C ASP A 296 3.30 -20.64 28.85
N PHE A 297 3.37 -21.89 28.39
CA PHE A 297 2.17 -22.64 28.06
C PHE A 297 1.22 -22.73 29.26
N GLU A 298 1.78 -22.95 30.45
CA GLU A 298 0.95 -23.05 31.64
C GLU A 298 0.18 -21.76 31.87
N GLY A 299 0.87 -20.64 31.72
CA GLY A 299 0.24 -19.33 31.90
C GLY A 299 -0.92 -19.15 30.94
N PHE A 300 -0.72 -19.55 29.68
CA PHE A 300 -1.78 -19.44 28.68
C PHE A 300 -2.98 -20.28 29.08
N ALA A 301 -2.73 -21.48 29.58
CA ALA A 301 -3.81 -22.37 30.00
C ALA A 301 -4.60 -21.76 31.14
N MET A 302 -3.90 -21.11 32.06
CA MET A 302 -4.51 -20.47 33.21
C MET A 302 -5.47 -19.34 32.80
N ILE A 303 -5.00 -18.43 31.97
CA ILE A 303 -5.84 -17.32 31.55
C ILE A 303 -6.99 -17.79 30.64
N THR A 304 -6.73 -18.84 29.87
CA THR A 304 -7.74 -19.39 28.97
C THR A 304 -8.88 -19.99 29.80
N LYS A 305 -8.52 -20.63 30.91
CA LYS A 305 -9.51 -21.23 31.77
C LYS A 305 -10.22 -20.18 32.65
N GLU A 306 -9.46 -19.24 33.16
CA GLU A 306 -10.02 -18.20 34.05
C GLU A 306 -10.90 -17.16 33.37
N LEU A 307 -10.50 -16.69 32.19
CA LEU A 307 -11.31 -15.69 31.47
C LEU A 307 -12.22 -16.39 30.47
N ASP A 308 -13.29 -15.72 30.06
CA ASP A 308 -14.23 -16.29 29.12
C ASP A 308 -14.18 -15.59 27.77
N ILE A 309 -12.97 -15.30 27.31
CA ILE A 309 -12.77 -14.62 26.03
C ILE A 309 -11.80 -15.42 25.18
N GLN A 310 -11.49 -14.88 24.00
CA GLN A 310 -10.54 -15.53 23.11
C GLN A 310 -9.12 -15.20 23.55
N ILE A 311 -8.28 -16.22 23.58
CA ILE A 311 -6.87 -16.06 23.96
C ILE A 311 -6.10 -16.56 22.75
N VAL A 312 -5.44 -15.65 22.05
CA VAL A 312 -4.71 -16.01 20.85
C VAL A 312 -3.23 -16.29 21.08
N GLY A 313 -2.77 -17.41 20.54
CA GLY A 313 -1.37 -17.74 20.65
C GLY A 313 -0.70 -17.30 19.37
N ASP A 314 0.25 -16.38 19.47
CA ASP A 314 0.97 -15.90 18.29
C ASP A 314 2.42 -16.37 18.40
N ASP A 315 3.22 -15.66 19.19
CA ASP A 315 4.61 -16.06 19.37
C ASP A 315 4.67 -17.40 20.09
N LEU A 316 3.60 -17.73 20.82
CA LEU A 316 3.55 -19.00 21.53
C LEU A 316 3.61 -20.18 20.56
N PHE A 317 2.96 -20.02 19.41
CA PHE A 317 2.90 -21.09 18.41
C PHE A 317 3.73 -20.86 17.14
N VAL A 318 3.93 -19.59 16.79
CA VAL A 318 4.63 -19.21 15.56
C VAL A 318 4.23 -20.09 14.39
N THR A 319 2.93 -20.31 14.27
CA THR A 319 2.32 -21.11 13.21
C THR A 319 3.04 -22.44 13.00
N ASN A 320 3.42 -23.06 14.10
CA ASN A 320 4.11 -24.35 14.09
C ASN A 320 3.17 -25.43 14.64
N VAL A 321 2.85 -26.41 13.81
CA VAL A 321 1.94 -27.49 14.20
C VAL A 321 2.30 -28.19 15.50
N GLU A 322 3.57 -28.55 15.67
CA GLU A 322 4.01 -29.23 16.88
C GLU A 322 3.68 -28.39 18.13
N ARG A 323 3.96 -27.09 18.09
CA ARG A 323 3.66 -26.24 19.23
C ARG A 323 2.16 -26.06 19.43
N LEU A 324 1.42 -25.98 18.33
CA LEU A 324 -0.04 -25.85 18.40
C LEU A 324 -0.62 -27.09 19.05
N ARG A 325 -0.11 -28.26 18.65
CA ARG A 325 -0.59 -29.53 19.18
C ARG A 325 -0.36 -29.56 20.69
N LYS A 326 0.82 -29.11 21.13
CA LYS A 326 1.13 -29.07 22.55
C LYS A 326 0.17 -28.13 23.27
N GLY A 327 -0.13 -27.00 22.63
CA GLY A 327 -1.06 -26.05 23.23
C GLY A 327 -2.44 -26.64 23.40
N ILE A 328 -2.90 -27.36 22.37
CA ILE A 328 -4.22 -27.98 22.40
C ILE A 328 -4.32 -29.00 23.53
N GLU A 329 -3.28 -29.81 23.70
CA GLU A 329 -3.27 -30.84 24.74
C GLU A 329 -3.30 -30.22 26.14
N MET A 330 -2.70 -29.04 26.28
CA MET A 330 -2.63 -28.34 27.56
C MET A 330 -3.75 -27.30 27.75
N LYS A 331 -4.61 -27.17 26.75
CA LYS A 331 -5.69 -26.18 26.78
C LYS A 331 -5.07 -24.79 26.92
N ALA A 332 -3.93 -24.59 26.27
CA ALA A 332 -3.24 -23.30 26.30
C ALA A 332 -3.76 -22.49 25.12
N ALA A 333 -4.43 -21.38 25.41
CA ALA A 333 -5.03 -20.51 24.41
C ALA A 333 -6.20 -21.23 23.76
N ASN A 334 -6.98 -20.51 22.96
CA ASN A 334 -8.10 -21.10 22.25
C ASN A 334 -8.22 -20.52 20.85
N ALA A 335 -7.11 -19.99 20.35
CA ALA A 335 -7.06 -19.42 19.01
C ALA A 335 -5.64 -19.39 18.49
N LEU A 336 -5.50 -19.59 17.18
CA LEU A 336 -4.20 -19.59 16.51
C LEU A 336 -4.06 -18.37 15.61
N LEU A 337 -2.95 -17.64 15.76
CA LEU A 337 -2.71 -16.51 14.87
C LEU A 337 -1.97 -17.16 13.71
N LEU A 338 -2.62 -17.19 12.56
CA LEU A 338 -2.06 -17.83 11.38
C LEU A 338 -1.27 -16.92 10.45
N LYS A 339 0.05 -17.13 10.43
CA LYS A 339 0.93 -16.35 9.55
C LYS A 339 1.47 -17.34 8.53
N VAL A 340 0.94 -17.28 7.31
CA VAL A 340 1.36 -18.22 6.28
C VAL A 340 2.85 -18.28 6.02
N ASN A 341 3.57 -17.16 6.12
CA ASN A 341 4.99 -17.22 5.85
C ASN A 341 5.83 -17.74 7.03
N GLN A 342 5.17 -18.05 8.15
CA GLN A 342 5.87 -18.63 9.29
C GLN A 342 5.88 -20.15 9.13
N ILE A 343 5.05 -20.67 8.24
CA ILE A 343 5.03 -22.11 8.02
C ILE A 343 5.59 -22.56 6.66
N GLY A 344 5.25 -21.80 5.59
CA GLY A 344 6.04 -21.97 4.37
C GLY A 344 5.25 -22.41 3.12
N THR A 345 4.17 -23.17 3.33
CA THR A 345 3.36 -23.57 2.18
C THR A 345 1.85 -23.45 2.45
N LEU A 346 1.04 -23.38 1.40
CA LEU A 346 -0.40 -23.31 1.56
C LEU A 346 -0.92 -24.58 2.23
N SER A 347 -0.42 -25.72 1.76
CA SER A 347 -0.82 -27.02 2.29
C SER A 347 -0.63 -27.09 3.80
N GLU A 348 0.55 -26.70 4.26
CA GLU A 348 0.84 -26.72 5.68
C GLU A 348 -0.01 -25.74 6.47
N ALA A 349 -0.17 -24.53 5.91
CA ALA A 349 -0.96 -23.50 6.56
C ALA A 349 -2.39 -23.94 6.78
N VAL A 350 -2.99 -24.54 5.75
CA VAL A 350 -4.38 -25.00 5.87
C VAL A 350 -4.46 -26.19 6.82
N ASP A 351 -3.42 -27.04 6.83
CA ASP A 351 -3.42 -28.18 7.74
C ASP A 351 -3.38 -27.64 9.18
N ALA A 352 -2.61 -26.57 9.39
CA ALA A 352 -2.50 -25.97 10.71
C ALA A 352 -3.84 -25.37 11.12
N ALA A 353 -4.49 -24.69 10.17
CA ALA A 353 -5.79 -24.08 10.43
C ALA A 353 -6.82 -25.16 10.80
N GLN A 354 -6.82 -26.26 10.07
CA GLN A 354 -7.74 -27.36 10.34
C GLN A 354 -7.52 -27.98 11.72
N LEU A 355 -6.26 -28.18 12.10
CA LEU A 355 -5.96 -28.76 13.42
C LEU A 355 -6.55 -27.85 14.50
N ALA A 356 -6.36 -26.54 14.33
CA ALA A 356 -6.89 -25.57 15.28
C ALA A 356 -8.41 -25.66 15.31
N PHE A 357 -9.03 -25.50 14.13
CA PHE A 357 -10.48 -25.54 14.02
C PHE A 357 -11.09 -26.79 14.66
N ARG A 358 -10.56 -27.96 14.31
CA ARG A 358 -11.09 -29.21 14.81
C ARG A 358 -10.93 -29.47 16.30
N ASN A 359 -10.18 -28.60 16.98
CA ASN A 359 -10.02 -28.74 18.42
C ASN A 359 -10.64 -27.55 19.14
N GLY A 360 -11.60 -26.91 18.47
CA GLY A 360 -12.29 -25.77 19.07
C GLY A 360 -11.54 -24.44 19.11
N TYR A 361 -10.42 -24.35 18.40
CA TYR A 361 -9.66 -23.11 18.38
C TYR A 361 -10.12 -22.20 17.25
N GLY A 362 -10.04 -20.90 17.48
CA GLY A 362 -10.38 -19.94 16.44
C GLY A 362 -9.10 -19.78 15.62
N VAL A 363 -9.22 -19.24 14.42
CA VAL A 363 -8.05 -19.02 13.57
C VAL A 363 -8.09 -17.58 13.09
N VAL A 364 -7.05 -16.83 13.38
CA VAL A 364 -6.96 -15.43 12.97
C VAL A 364 -5.95 -15.34 11.83
N VAL A 365 -6.44 -15.14 10.61
CA VAL A 365 -5.55 -15.01 9.46
C VAL A 365 -4.87 -13.67 9.64
N SER A 366 -3.53 -13.68 9.67
CA SER A 366 -2.78 -12.46 9.93
C SER A 366 -1.80 -11.95 8.88
N HIS A 367 -1.60 -10.63 8.91
CA HIS A 367 -0.65 -9.96 8.03
C HIS A 367 0.68 -10.01 8.79
N ARG A 368 1.70 -9.39 8.22
CA ARG A 368 3.01 -9.29 8.86
C ARG A 368 3.32 -7.80 8.92
N SER A 369 4.28 -7.39 9.76
CA SER A 369 4.64 -5.98 9.87
C SER A 369 5.08 -5.43 8.52
N GLY A 370 5.86 -6.22 7.80
CA GLY A 370 6.32 -5.83 6.48
C GLY A 370 5.41 -6.49 5.48
N GLU A 371 4.40 -5.75 5.01
CA GLU A 371 3.44 -6.29 4.05
C GLU A 371 3.70 -5.81 2.63
N THR A 372 2.83 -6.22 1.72
CA THR A 372 2.95 -5.83 0.31
C THR A 372 1.56 -5.59 -0.26
N GLU A 373 1.50 -5.29 -1.55
CA GLU A 373 0.23 -5.05 -2.22
C GLU A 373 -0.52 -6.36 -2.50
N ASP A 374 0.11 -7.49 -2.18
CA ASP A 374 -0.51 -8.81 -2.37
C ASP A 374 -1.70 -8.90 -1.41
N THR A 375 -2.81 -9.47 -1.87
CA THR A 375 -4.01 -9.56 -1.05
C THR A 375 -4.47 -10.99 -0.76
N THR A 376 -3.57 -11.95 -0.93
CA THR A 376 -3.90 -13.35 -0.71
C THR A 376 -4.59 -13.68 0.61
N ILE A 377 -4.17 -13.05 1.72
CA ILE A 377 -4.79 -13.38 3.00
C ILE A 377 -6.27 -13.04 3.06
N ALA A 378 -6.73 -12.13 2.20
CA ALA A 378 -8.16 -11.80 2.18
C ALA A 378 -8.89 -13.04 1.66
N ASP A 379 -8.47 -13.54 0.49
CA ASP A 379 -9.10 -14.72 -0.07
C ASP A 379 -8.95 -15.92 0.87
N LEU A 380 -7.79 -16.04 1.51
CA LEU A 380 -7.55 -17.15 2.42
C LEU A 380 -8.53 -17.15 3.59
N SER A 381 -8.78 -15.97 4.17
CA SER A 381 -9.68 -15.87 5.31
C SER A 381 -11.10 -16.32 4.94
N VAL A 382 -11.52 -16.02 3.72
CA VAL A 382 -12.86 -16.42 3.26
C VAL A 382 -12.86 -17.92 2.91
N ALA A 383 -11.78 -18.38 2.28
CA ALA A 383 -11.67 -19.79 1.92
C ALA A 383 -11.75 -20.66 3.17
N LEU A 384 -11.16 -20.21 4.26
CA LEU A 384 -11.16 -20.95 5.51
C LEU A 384 -12.38 -20.62 6.37
N ASN A 385 -13.16 -19.63 5.97
CA ASN A 385 -14.32 -19.20 6.76
C ASN A 385 -13.80 -19.00 8.19
N SER A 386 -12.66 -18.32 8.31
CA SER A 386 -12.03 -18.09 9.60
C SER A 386 -12.85 -17.20 10.53
N GLY A 387 -13.65 -16.32 9.96
CA GLY A 387 -14.47 -15.43 10.76
C GLY A 387 -13.72 -14.23 11.31
N GLN A 388 -12.39 -14.24 11.18
CA GLN A 388 -11.59 -13.14 11.67
C GLN A 388 -10.26 -12.98 10.94
N ILE A 389 -9.84 -11.73 10.78
CA ILE A 389 -8.62 -11.42 10.09
C ILE A 389 -7.95 -10.25 10.79
N LYS A 390 -6.62 -10.23 10.77
CA LYS A 390 -5.88 -9.14 11.38
C LYS A 390 -4.97 -8.63 10.27
N THR A 391 -5.31 -7.48 9.68
CA THR A 391 -4.52 -6.96 8.59
C THR A 391 -4.27 -5.46 8.59
N GLY A 392 -4.27 -4.87 9.79
CA GLY A 392 -3.94 -3.46 9.91
C GLY A 392 -5.01 -2.40 10.12
N ALA A 393 -4.55 -1.17 10.39
CA ALA A 393 -5.47 -0.05 10.55
C ALA A 393 -5.96 0.19 9.12
N PRO A 394 -7.07 0.93 8.98
CA PRO A 394 -7.60 1.20 7.64
C PRO A 394 -6.84 2.32 6.94
N ALA A 395 -5.50 2.20 6.92
CA ALA A 395 -4.62 3.17 6.28
C ALA A 395 -3.34 2.47 5.85
N ARG A 396 -2.70 3.02 4.81
CA ARG A 396 -1.48 2.46 4.20
C ARG A 396 -1.94 1.40 3.21
N GLY A 397 -1.55 1.56 1.94
CA GLY A 397 -1.94 0.64 0.89
C GLY A 397 -1.75 -0.84 1.11
N GLU A 398 -0.69 -1.25 1.82
CA GLU A 398 -0.46 -2.67 2.05
C GLU A 398 -1.51 -3.25 3.01
N ARG A 399 -2.31 -2.37 3.61
CA ARG A 399 -3.36 -2.80 4.53
C ARG A 399 -4.71 -2.60 3.82
N THR A 400 -4.91 -1.40 3.27
CA THR A 400 -6.17 -1.11 2.59
C THR A 400 -6.42 -2.00 1.39
N ALA A 401 -5.37 -2.54 0.79
CA ALA A 401 -5.52 -3.42 -0.36
C ALA A 401 -6.28 -4.69 0.05
N LYS A 402 -6.06 -5.15 1.28
CA LYS A 402 -6.76 -6.33 1.78
C LYS A 402 -8.24 -6.01 2.00
N TYR A 403 -8.50 -4.86 2.63
CA TYR A 403 -9.87 -4.44 2.88
C TYR A 403 -10.65 -4.29 1.58
N ASN A 404 -10.00 -3.75 0.54
CA ASN A 404 -10.67 -3.60 -0.74
C ASN A 404 -10.95 -4.96 -1.35
N GLN A 405 -10.00 -5.90 -1.21
CA GLN A 405 -10.20 -7.25 -1.75
C GLN A 405 -11.35 -7.93 -1.00
N LEU A 406 -11.45 -7.69 0.30
CA LEU A 406 -12.54 -8.31 1.05
C LEU A 406 -13.86 -7.73 0.53
N ILE A 407 -13.86 -6.44 0.23
CA ILE A 407 -15.06 -5.80 -0.30
C ILE A 407 -15.42 -6.41 -1.67
N ARG A 408 -14.41 -6.66 -2.51
CA ARG A 408 -14.67 -7.24 -3.83
C ARG A 408 -15.20 -8.67 -3.71
N ILE A 409 -14.63 -9.44 -2.80
CA ILE A 409 -15.06 -10.83 -2.60
C ILE A 409 -16.51 -10.85 -2.13
N GLU A 410 -16.85 -9.97 -1.20
CA GLU A 410 -18.21 -9.90 -0.69
C GLU A 410 -19.20 -9.59 -1.80
N GLN A 411 -18.84 -8.69 -2.71
CA GLN A 411 -19.73 -8.35 -3.81
C GLN A 411 -19.83 -9.50 -4.82
N GLU A 412 -18.72 -10.20 -5.05
CA GLU A 412 -18.70 -11.30 -6.00
C GLU A 412 -19.56 -12.47 -5.51
N LEU A 413 -19.55 -12.70 -4.20
CA LEU A 413 -20.37 -13.77 -3.65
C LEU A 413 -21.82 -13.33 -3.81
N GLY A 414 -22.68 -14.24 -4.23
CA GLY A 414 -24.09 -13.86 -4.40
C GLY A 414 -24.68 -13.67 -3.02
N LEU A 415 -24.45 -14.68 -2.18
CA LEU A 415 -24.94 -14.69 -0.81
C LEU A 415 -23.72 -14.91 0.07
N SER A 416 -23.43 -13.94 0.91
CA SER A 416 -22.30 -14.07 1.82
C SER A 416 -22.80 -13.89 3.23
N LYS A 417 -21.95 -14.20 4.20
CA LYS A 417 -22.30 -14.07 5.61
C LYS A 417 -21.16 -13.36 6.34
N TYR A 418 -21.50 -12.32 7.07
CA TYR A 418 -20.50 -11.59 7.85
C TYR A 418 -20.46 -12.26 9.22
N ALA A 419 -19.29 -12.77 9.60
CA ALA A 419 -19.12 -13.47 10.88
C ALA A 419 -19.68 -12.73 12.07
N GLY A 420 -19.47 -11.41 12.11
CA GLY A 420 -19.97 -10.60 13.21
C GLY A 420 -19.60 -11.09 14.61
N ARG A 421 -20.60 -11.15 15.49
CA ARG A 421 -20.37 -11.59 16.86
C ARG A 421 -19.99 -13.06 16.96
N ASN A 422 -20.17 -13.81 15.87
CA ASN A 422 -19.81 -15.22 15.86
C ASN A 422 -18.48 -15.41 15.11
N PHE A 423 -17.56 -14.49 15.36
CA PHE A 423 -16.25 -14.52 14.71
C PHE A 423 -15.39 -15.75 15.03
N ARG A 424 -15.58 -16.36 16.19
CA ARG A 424 -14.79 -17.55 16.54
C ARG A 424 -15.22 -18.75 15.70
N CYS A 425 -16.53 -18.99 15.64
CA CYS A 425 -17.11 -20.10 14.88
C CYS A 425 -18.37 -19.59 14.18
N PRO A 426 -18.21 -19.08 12.95
CA PRO A 426 -19.31 -18.53 12.16
C PRO A 426 -20.27 -19.55 11.53
N PHE A 427 -20.59 -20.60 12.28
CA PHE A 427 -21.51 -21.63 11.82
C PHE A 427 -22.56 -21.93 12.88
N MET B 1 -10.20 1.11 -42.03
CA MET B 1 -10.24 -0.06 -42.96
C MET B 1 -11.00 -1.22 -42.35
N LEU B 2 -11.75 -1.92 -43.17
CA LEU B 2 -12.56 -3.04 -42.71
C LEU B 2 -11.82 -4.11 -41.93
N TYR B 3 -10.56 -4.39 -42.28
CA TYR B 3 -9.82 -5.43 -41.58
C TYR B 3 -9.43 -5.05 -40.15
N ASN B 4 -9.60 -3.78 -39.79
CA ASN B 4 -9.29 -3.36 -38.42
C ASN B 4 -10.51 -3.45 -37.52
N MET B 5 -11.66 -3.74 -38.11
CA MET B 5 -12.88 -3.90 -37.31
C MET B 5 -12.71 -5.23 -36.59
N ASP B 6 -13.02 -5.26 -35.30
CA ASP B 6 -12.86 -6.48 -34.53
C ASP B 6 -13.77 -6.44 -33.32
N GLU B 7 -14.77 -7.33 -33.33
CA GLU B 7 -15.74 -7.42 -32.25
C GLU B 7 -15.12 -7.75 -30.89
N ARG B 8 -13.91 -8.31 -30.89
CA ARG B 8 -13.23 -8.64 -29.64
C ARG B 8 -12.98 -7.42 -28.77
N PHE B 9 -12.88 -6.25 -29.39
CA PHE B 9 -12.61 -5.03 -28.62
C PHE B 9 -13.86 -4.32 -28.09
N GLU B 10 -15.03 -4.83 -28.43
CA GLU B 10 -16.27 -4.22 -27.95
C GLU B 10 -16.35 -4.37 -26.43
N ILE B 11 -16.73 -3.29 -25.74
CA ILE B 11 -16.85 -3.34 -24.29
C ILE B 11 -18.08 -4.19 -23.96
N LYS B 12 -17.85 -5.29 -23.23
CA LYS B 12 -18.93 -6.20 -22.86
C LYS B 12 -19.61 -5.80 -21.55
N ASP B 13 -18.83 -5.30 -20.59
CA ASP B 13 -19.39 -4.88 -19.32
C ASP B 13 -18.48 -3.91 -18.59
N ILE B 14 -19.09 -3.13 -17.70
CA ILE B 14 -18.39 -2.14 -16.90
C ILE B 14 -19.05 -2.15 -15.53
N VAL B 15 -18.23 -2.13 -14.48
CA VAL B 15 -18.73 -2.12 -13.12
C VAL B 15 -17.87 -1.22 -12.27
N ALA B 16 -18.52 -0.36 -11.50
CA ALA B 16 -17.81 0.55 -10.60
C ALA B 16 -18.21 0.20 -9.18
N ARG B 17 -17.29 0.44 -8.24
CA ARG B 17 -17.55 0.18 -6.84
C ARG B 17 -16.79 1.19 -5.99
N GLU B 18 -17.19 1.29 -4.73
CA GLU B 18 -16.55 2.19 -3.80
C GLU B 18 -15.57 1.38 -2.94
N VAL B 19 -14.29 1.74 -3.00
CA VAL B 19 -13.26 1.09 -2.19
C VAL B 19 -12.63 2.22 -1.37
N ILE B 20 -11.57 1.92 -0.61
CA ILE B 20 -10.93 2.97 0.18
C ILE B 20 -9.49 3.21 -0.25
N ASP B 21 -9.00 4.43 -0.08
CA ASP B 21 -7.63 4.73 -0.45
C ASP B 21 -6.68 4.54 0.73
N SER B 22 -5.42 4.93 0.53
CA SER B 22 -4.38 4.77 1.54
C SER B 22 -4.57 5.54 2.83
N ARG B 23 -5.56 6.42 2.88
CA ARG B 23 -5.83 7.20 4.08
C ARG B 23 -7.17 6.79 4.69
N GLY B 24 -7.77 5.74 4.11
CA GLY B 24 -9.04 5.25 4.61
C GLY B 24 -10.26 5.96 4.05
N ASN B 25 -10.05 6.84 3.08
CA ASN B 25 -11.16 7.56 2.48
C ASN B 25 -11.65 6.87 1.22
N PRO B 26 -12.96 6.92 0.96
CA PRO B 26 -13.54 6.28 -0.21
C PRO B 26 -13.00 6.81 -1.53
N THR B 27 -13.00 5.93 -2.53
CA THR B 27 -12.59 6.33 -3.87
C THR B 27 -13.23 5.35 -4.84
N VAL B 28 -13.16 5.67 -6.13
CA VAL B 28 -13.78 4.87 -7.17
C VAL B 28 -12.88 3.88 -7.89
N GLU B 29 -13.38 2.67 -8.04
CA GLU B 29 -12.68 1.62 -8.76
C GLU B 29 -13.63 1.17 -9.86
N VAL B 30 -13.09 0.98 -11.06
CA VAL B 30 -13.90 0.53 -12.18
C VAL B 30 -13.23 -0.64 -12.89
N GLU B 31 -14.06 -1.60 -13.28
CA GLU B 31 -13.63 -2.79 -14.01
C GLU B 31 -14.24 -2.74 -15.39
N VAL B 32 -13.47 -3.12 -16.40
CA VAL B 32 -13.96 -3.15 -17.76
C VAL B 32 -13.52 -4.46 -18.40
N ILE B 33 -14.41 -5.08 -19.17
CA ILE B 33 -14.06 -6.30 -19.87
C ILE B 33 -14.65 -6.25 -21.28
N THR B 34 -13.86 -6.68 -22.26
CA THR B 34 -14.28 -6.68 -23.64
C THR B 34 -14.85 -8.04 -24.02
N LYS B 35 -15.46 -8.12 -25.20
CA LYS B 35 -16.04 -9.37 -25.68
C LYS B 35 -14.93 -10.40 -25.89
N GLY B 36 -13.73 -9.92 -26.18
CA GLY B 36 -12.59 -10.81 -26.37
C GLY B 36 -11.95 -11.21 -25.05
N ASN B 37 -12.65 -10.90 -23.96
CA ASN B 37 -12.20 -11.22 -22.61
C ASN B 37 -10.98 -10.44 -22.11
N GLY B 38 -10.75 -9.27 -22.69
CA GLY B 38 -9.66 -8.43 -22.25
C GLY B 38 -10.16 -7.70 -21.01
N TYR B 39 -9.45 -7.87 -19.90
CA TYR B 39 -9.86 -7.27 -18.63
C TYR B 39 -8.98 -6.10 -18.19
N GLY B 40 -9.63 -5.07 -17.65
CA GLY B 40 -8.92 -3.91 -17.15
C GLY B 40 -9.59 -3.42 -15.88
N SER B 41 -8.79 -2.99 -14.92
CA SER B 41 -9.31 -2.50 -13.64
C SER B 41 -8.47 -1.32 -13.17
N ALA B 42 -9.12 -0.27 -12.68
CA ALA B 42 -8.39 0.90 -12.21
C ALA B 42 -9.04 1.56 -11.01
N ILE B 43 -8.22 2.17 -10.16
CA ILE B 43 -8.70 2.88 -8.98
C ILE B 43 -8.11 4.27 -9.09
N VAL B 44 -8.90 5.30 -8.83
CA VAL B 44 -8.38 6.66 -8.90
C VAL B 44 -7.98 7.15 -7.52
N PRO B 45 -6.97 8.03 -7.46
CA PRO B 45 -6.46 8.59 -6.20
C PRO B 45 -7.34 9.74 -5.70
N SER B 46 -7.02 10.25 -4.51
CA SER B 46 -7.77 11.36 -3.92
C SER B 46 -7.58 12.59 -4.80
N GLY B 47 -8.58 13.46 -4.83
CA GLY B 47 -8.48 14.66 -5.62
C GLY B 47 -9.04 15.85 -4.85
N ALA B 48 -9.81 16.68 -5.55
CA ALA B 48 -10.42 17.85 -4.93
C ALA B 48 -11.86 17.96 -5.42
N SER B 49 -12.77 18.24 -4.49
CA SER B 49 -14.18 18.35 -4.84
C SER B 49 -14.59 19.81 -5.03
N THR B 50 -13.67 20.72 -4.74
CA THR B 50 -13.91 22.15 -4.90
C THR B 50 -12.69 22.80 -5.56
N GLY B 51 -12.94 23.71 -6.49
CA GLY B 51 -11.86 24.37 -7.20
C GLY B 51 -12.41 25.17 -8.37
N THR B 52 -11.58 26.02 -8.97
CA THR B 52 -12.03 26.83 -10.09
C THR B 52 -11.29 26.59 -11.41
N HIS B 53 -10.25 25.77 -11.37
CA HIS B 53 -9.48 25.49 -12.58
C HIS B 53 -9.27 24.01 -12.90
N GLU B 54 -9.32 23.16 -11.88
CA GLU B 54 -9.10 21.73 -12.09
C GLU B 54 -10.39 20.92 -12.11
N ALA B 55 -10.29 19.68 -12.60
CA ALA B 55 -11.46 18.80 -12.66
C ALA B 55 -11.84 18.47 -11.23
N LEU B 56 -13.13 18.46 -10.94
CA LEU B 56 -13.59 18.20 -9.59
C LEU B 56 -14.15 16.80 -9.37
N GLU B 57 -13.71 16.17 -8.29
CA GLU B 57 -14.20 14.87 -7.91
C GLU B 57 -15.60 15.06 -7.32
N LEU B 58 -16.41 14.02 -7.37
CA LEU B 58 -17.75 14.09 -6.81
C LEU B 58 -17.74 13.33 -5.49
N ARG B 59 -18.12 14.02 -4.41
CA ARG B 59 -18.19 13.43 -3.08
C ARG B 59 -19.66 13.47 -2.68
N ASP B 60 -20.10 12.48 -1.90
CA ASP B 60 -21.50 12.39 -1.49
C ASP B 60 -21.96 13.42 -0.45
N LYS B 61 -21.05 13.87 0.42
CA LYS B 61 -21.39 14.84 1.45
C LYS B 61 -22.50 14.34 2.36
N GLU B 62 -22.46 13.03 2.68
CA GLU B 62 -23.44 12.41 3.55
C GLU B 62 -22.79 12.15 4.90
N LYS B 63 -23.56 11.66 5.87
CA LYS B 63 -23.01 11.39 7.19
C LYS B 63 -21.87 10.35 7.13
N ARG B 64 -22.09 9.28 6.38
CA ARG B 64 -21.09 8.22 6.26
C ARG B 64 -19.74 8.69 5.69
N PHE B 65 -18.66 8.05 6.15
CA PHE B 65 -17.30 8.37 5.71
C PHE B 65 -16.96 9.86 5.81
N GLY B 66 -17.52 10.54 6.80
CA GLY B 66 -17.24 11.95 6.99
C GLY B 66 -17.59 12.80 5.78
N GLY B 67 -18.60 12.37 5.04
CA GLY B 67 -19.04 13.12 3.86
C GLY B 67 -18.19 12.87 2.62
N LYS B 68 -17.25 11.94 2.72
CA LYS B 68 -16.37 11.66 1.59
C LYS B 68 -16.74 10.44 0.77
N GLY B 69 -17.98 9.95 0.93
CA GLY B 69 -18.40 8.79 0.15
C GLY B 69 -18.43 9.13 -1.34
N VAL B 70 -18.33 8.12 -2.18
CA VAL B 70 -18.36 8.34 -3.63
C VAL B 70 -19.39 7.45 -4.31
N LEU B 71 -20.46 7.13 -3.59
CA LEU B 71 -21.51 6.28 -4.12
C LEU B 71 -22.21 6.93 -5.32
N MET B 72 -22.29 8.26 -5.33
CA MET B 72 -22.93 8.95 -6.45
C MET B 72 -22.06 8.79 -7.69
N ALA B 73 -20.76 9.00 -7.54
CA ALA B 73 -19.83 8.84 -8.65
C ALA B 73 -19.91 7.42 -9.18
N VAL B 74 -19.99 6.46 -8.25
CA VAL B 74 -20.09 5.06 -8.62
C VAL B 74 -21.38 4.80 -9.41
N GLU B 75 -22.49 5.37 -8.94
CA GLU B 75 -23.75 5.21 -9.62
C GLU B 75 -23.70 5.88 -10.99
N ASN B 76 -22.97 7.00 -11.08
CA ASN B 76 -22.86 7.69 -12.36
C ASN B 76 -22.17 6.79 -13.38
N VAL B 77 -21.21 5.99 -12.93
CA VAL B 77 -20.53 5.08 -13.85
C VAL B 77 -21.48 3.93 -14.23
N ASN B 78 -22.07 3.30 -13.23
CA ASN B 78 -22.95 2.15 -13.45
C ASN B 78 -24.28 2.43 -14.15
N SER B 79 -24.85 3.60 -13.92
CA SER B 79 -26.15 3.94 -14.51
C SER B 79 -26.17 4.98 -15.62
N ILE B 80 -25.19 5.90 -15.63
CA ILE B 80 -25.16 6.95 -16.64
C ILE B 80 -24.11 6.73 -17.74
N ILE B 81 -22.87 6.53 -17.35
CA ILE B 81 -21.81 6.33 -18.33
C ILE B 81 -21.89 4.97 -19.03
N ARG B 82 -22.05 3.91 -18.23
CA ARG B 82 -22.11 2.54 -18.77
C ARG B 82 -22.98 2.34 -20.01
N PRO B 83 -24.27 2.67 -19.94
CA PRO B 83 -25.11 2.47 -21.13
C PRO B 83 -24.67 3.24 -22.39
N GLU B 84 -23.92 4.32 -22.22
CA GLU B 84 -23.47 5.10 -23.36
C GLU B 84 -22.24 4.51 -24.05
N ILE B 85 -21.48 3.67 -23.35
CA ILE B 85 -20.29 3.09 -23.98
C ILE B 85 -20.28 1.57 -24.09
N LEU B 86 -21.31 0.91 -23.61
CA LEU B 86 -21.39 -0.55 -23.74
C LEU B 86 -21.38 -0.87 -25.23
N GLY B 87 -20.53 -1.82 -25.63
CA GLY B 87 -20.47 -2.20 -27.03
C GLY B 87 -19.51 -1.35 -27.85
N TYR B 88 -18.98 -0.29 -27.24
CA TYR B 88 -18.06 0.60 -27.95
C TYR B 88 -16.69 -0.06 -28.12
N ASP B 89 -15.99 0.30 -29.21
CA ASP B 89 -14.66 -0.22 -29.50
C ASP B 89 -13.70 0.33 -28.44
N ALA B 90 -13.21 -0.55 -27.56
CA ALA B 90 -12.32 -0.12 -26.49
C ALA B 90 -11.03 0.56 -26.97
N ARG B 91 -10.65 0.33 -28.22
CA ARG B 91 -9.45 0.95 -28.77
C ARG B 91 -9.63 2.45 -29.03
N MET B 92 -10.87 2.89 -29.16
CA MET B 92 -11.19 4.29 -29.43
C MET B 92 -11.20 5.11 -28.15
N GLN B 93 -10.04 5.20 -27.51
CA GLN B 93 -9.87 5.92 -26.25
C GLN B 93 -10.32 7.38 -26.29
N ARG B 94 -9.83 8.14 -27.26
CA ARG B 94 -10.23 9.55 -27.36
C ARG B 94 -11.73 9.69 -27.57
N GLU B 95 -12.32 8.80 -28.35
CA GLU B 95 -13.75 8.87 -28.60
C GLU B 95 -14.55 8.60 -27.31
N ILE B 96 -14.12 7.61 -26.54
CA ILE B 96 -14.80 7.28 -25.28
C ILE B 96 -14.61 8.40 -24.25
N ASP B 97 -13.41 8.96 -24.17
CA ASP B 97 -13.17 10.05 -23.23
C ASP B 97 -14.04 11.25 -23.61
N THR B 98 -14.17 11.51 -24.91
CA THR B 98 -14.96 12.62 -25.40
C THR B 98 -16.44 12.41 -25.07
N ILE B 99 -16.91 11.17 -25.23
CA ILE B 99 -18.30 10.85 -24.93
C ILE B 99 -18.59 11.18 -23.46
N MET B 100 -17.67 10.81 -22.57
CA MET B 100 -17.87 11.07 -21.15
C MET B 100 -17.80 12.56 -20.85
N ILE B 101 -16.90 13.26 -21.52
CA ILE B 101 -16.75 14.70 -21.32
C ILE B 101 -18.04 15.42 -21.72
N GLU B 102 -18.59 15.07 -22.86
CA GLU B 102 -19.80 15.70 -23.35
C GLU B 102 -21.05 15.27 -22.58
N LEU B 103 -21.05 14.03 -22.09
CA LEU B 103 -22.17 13.52 -21.30
C LEU B 103 -22.25 14.31 -20.00
N ASP B 104 -21.09 14.56 -19.39
CA ASP B 104 -21.05 15.33 -18.15
C ASP B 104 -21.53 16.74 -18.47
N GLY B 105 -20.96 17.33 -19.53
CA GLY B 105 -21.38 18.65 -19.96
C GLY B 105 -20.81 19.87 -19.27
N THR B 106 -20.05 19.68 -18.19
CA THR B 106 -19.47 20.82 -17.48
C THR B 106 -17.99 20.93 -17.81
N PRO B 107 -17.44 22.14 -17.72
CA PRO B 107 -16.01 22.41 -17.99
C PRO B 107 -15.05 21.69 -17.05
N ASN B 108 -15.53 21.33 -15.86
CA ASN B 108 -14.68 20.68 -14.87
C ASN B 108 -15.17 19.31 -14.39
N LYS B 109 -15.96 18.64 -15.22
CA LYS B 109 -16.47 17.30 -14.89
C LYS B 109 -17.12 17.24 -13.51
N SER B 110 -17.68 18.36 -13.07
CA SER B 110 -18.31 18.43 -11.76
C SER B 110 -19.70 17.81 -11.64
N ARG B 111 -20.31 17.42 -12.76
CA ARG B 111 -21.64 16.83 -12.69
C ARG B 111 -21.56 15.32 -12.41
N LEU B 112 -20.81 14.60 -13.24
CA LEU B 112 -20.66 13.16 -13.07
C LEU B 112 -19.50 12.86 -12.11
N GLY B 113 -18.54 13.76 -12.06
CA GLY B 113 -17.39 13.59 -11.19
C GLY B 113 -16.15 13.18 -11.94
N ALA B 114 -15.05 13.90 -11.72
CA ALA B 114 -13.80 13.58 -12.40
C ALA B 114 -13.34 12.18 -11.96
N ASN B 115 -13.72 11.78 -10.75
CA ASN B 115 -13.34 10.46 -10.26
C ASN B 115 -14.07 9.35 -11.01
N ALA B 116 -15.33 9.58 -11.35
CA ALA B 116 -16.09 8.58 -12.09
C ALA B 116 -15.54 8.47 -13.52
N ILE B 117 -15.35 9.62 -14.16
CA ILE B 117 -14.85 9.67 -15.53
C ILE B 117 -13.43 9.10 -15.71
N LEU B 118 -12.51 9.48 -14.83
CA LEU B 118 -11.14 8.96 -14.94
C LEU B 118 -11.06 7.46 -14.70
N ALA B 119 -11.82 6.97 -13.73
CA ALA B 119 -11.78 5.54 -13.43
C ALA B 119 -12.14 4.72 -14.68
N VAL B 120 -13.17 5.16 -15.38
CA VAL B 120 -13.60 4.49 -16.61
C VAL B 120 -12.52 4.67 -17.69
N SER B 121 -12.02 5.90 -17.82
CA SER B 121 -11.00 6.20 -18.81
C SER B 121 -9.80 5.26 -18.70
N LEU B 122 -9.32 5.08 -17.48
CA LEU B 122 -8.17 4.21 -17.23
C LEU B 122 -8.47 2.73 -17.42
N ALA B 123 -9.61 2.28 -16.88
CA ALA B 123 -9.99 0.87 -17.00
C ALA B 123 -10.17 0.46 -18.46
N VAL B 124 -10.73 1.36 -19.27
CA VAL B 124 -10.94 1.07 -20.68
C VAL B 124 -9.61 0.86 -21.40
N ALA B 125 -8.63 1.72 -21.14
CA ALA B 125 -7.33 1.60 -21.77
C ALA B 125 -6.68 0.26 -21.40
N LYS B 126 -6.78 -0.11 -20.13
CA LYS B 126 -6.18 -1.38 -19.68
C LYS B 126 -6.86 -2.58 -20.36
N ALA B 127 -8.18 -2.51 -20.49
CA ALA B 127 -8.93 -3.59 -21.14
C ALA B 127 -8.57 -3.70 -22.62
N ALA B 128 -8.37 -2.55 -23.27
CA ALA B 128 -8.01 -2.54 -24.69
C ALA B 128 -6.63 -3.17 -24.86
N ALA B 129 -5.69 -2.76 -24.01
CA ALA B 129 -4.33 -3.29 -24.06
C ALA B 129 -4.36 -4.80 -23.84
N ALA B 130 -5.12 -5.24 -22.84
CA ALA B 130 -5.25 -6.65 -22.51
C ALA B 130 -5.83 -7.45 -23.67
N THR B 131 -6.78 -6.84 -24.38
CA THR B 131 -7.41 -7.49 -25.53
C THR B 131 -6.43 -7.64 -26.68
N ALA B 132 -5.61 -6.61 -26.89
CA ALA B 132 -4.63 -6.61 -27.97
C ALA B 132 -3.42 -7.47 -27.59
N LYS B 133 -3.25 -7.73 -26.31
CA LYS B 133 -2.14 -8.52 -25.81
C LYS B 133 -0.83 -7.74 -26.00
N ILE B 134 -0.91 -6.44 -25.72
CA ILE B 134 0.22 -5.54 -25.82
C ILE B 134 0.45 -4.97 -24.41
N PRO B 135 1.71 -4.98 -23.93
CA PRO B 135 1.96 -4.44 -22.59
C PRO B 135 1.35 -3.05 -22.47
N LEU B 136 0.73 -2.76 -21.32
CA LEU B 136 0.07 -1.49 -21.09
C LEU B 136 0.88 -0.26 -21.53
N TYR B 137 2.12 -0.15 -21.09
CA TYR B 137 2.94 1.00 -21.46
C TYR B 137 3.14 1.10 -22.98
N LYS B 138 3.19 -0.05 -23.66
CA LYS B 138 3.35 -0.09 -25.12
C LYS B 138 2.05 0.32 -25.80
N TYR B 139 0.93 -0.05 -25.20
CA TYR B 139 -0.35 0.30 -25.77
C TYR B 139 -0.62 1.79 -25.59
N LEU B 140 -0.17 2.32 -24.46
CA LEU B 140 -0.34 3.74 -24.16
C LEU B 140 0.59 4.65 -24.94
N GLY B 141 1.86 4.27 -25.03
CA GLY B 141 2.81 5.14 -25.72
C GLY B 141 3.39 4.67 -27.05
N GLY B 142 2.94 3.51 -27.53
CA GLY B 142 3.47 3.00 -28.78
C GLY B 142 4.65 2.08 -28.52
N PHE B 143 5.21 1.51 -29.58
CA PHE B 143 6.33 0.58 -29.44
C PHE B 143 7.56 1.18 -28.77
N ASN B 144 7.78 2.48 -28.98
CA ASN B 144 8.96 3.15 -28.45
C ASN B 144 8.83 3.66 -27.02
N SER B 145 8.34 2.80 -26.14
CA SER B 145 8.19 3.15 -24.72
C SER B 145 9.19 2.25 -24.01
N TYR B 146 10.27 2.85 -23.52
CA TYR B 146 11.33 2.06 -22.90
C TYR B 146 12.18 2.81 -21.87
N VAL B 147 11.87 4.07 -21.62
CA VAL B 147 12.66 4.84 -20.66
C VAL B 147 12.09 4.74 -19.26
N MET B 148 12.91 4.23 -18.35
CA MET B 148 12.52 4.09 -16.94
C MET B 148 12.81 5.44 -16.30
N PRO B 149 11.85 5.96 -15.51
CA PRO B 149 11.96 7.25 -14.83
C PRO B 149 12.83 7.33 -13.58
N VAL B 150 13.40 8.50 -13.34
CA VAL B 150 14.18 8.72 -12.14
C VAL B 150 13.11 9.06 -11.10
N PRO B 151 13.11 8.36 -9.96
CA PRO B 151 12.10 8.66 -8.94
C PRO B 151 12.48 9.80 -7.99
N MET B 152 11.53 10.69 -7.71
CA MET B 152 11.73 11.79 -6.76
C MET B 152 11.05 11.25 -5.50
N MET B 153 11.84 10.91 -4.48
CA MET B 153 11.27 10.36 -3.25
C MET B 153 11.15 11.32 -2.08
N ASN B 154 9.92 11.61 -1.67
CA ASN B 154 9.65 12.52 -0.56
C ASN B 154 9.93 11.84 0.78
N VAL B 155 11.17 11.96 1.25
CA VAL B 155 11.58 11.32 2.50
C VAL B 155 11.55 12.19 3.76
N ILE B 156 11.48 13.51 3.59
CA ILE B 156 11.36 14.43 4.73
C ILE B 156 10.22 15.38 4.41
N ASN B 157 9.19 15.34 5.24
CA ASN B 157 7.99 16.14 5.06
C ASN B 157 8.02 17.45 5.84
N GLY B 158 7.37 18.45 5.26
CA GLY B 158 7.26 19.77 5.87
C GLY B 158 5.85 20.24 5.60
N GLY B 159 5.55 21.49 5.96
CA GLY B 159 4.21 21.99 5.74
C GLY B 159 3.40 22.00 7.02
N LYS B 160 2.28 22.71 7.01
CA LYS B 160 1.42 22.83 8.18
C LYS B 160 0.86 21.53 8.74
N HIS B 161 0.91 20.46 7.95
CA HIS B 161 0.38 19.17 8.40
C HIS B 161 1.44 18.10 8.61
N ALA B 162 2.70 18.44 8.39
CA ALA B 162 3.78 17.48 8.54
C ALA B 162 4.03 17.10 10.00
N GLY B 163 3.82 18.06 10.90
CA GLY B 163 4.04 17.81 12.31
C GLY B 163 5.16 18.66 12.87
N ASN B 164 6.08 19.07 12.00
CA ASN B 164 7.21 19.89 12.41
C ASN B 164 7.01 21.36 12.02
N ASP B 165 8.11 22.12 12.05
CA ASP B 165 8.06 23.53 11.72
C ASP B 165 8.66 23.87 10.35
N LEU B 166 8.82 22.86 9.50
CA LEU B 166 9.37 23.10 8.16
C LEU B 166 8.31 23.77 7.29
N ASP B 167 8.71 24.83 6.60
CA ASP B 167 7.82 25.57 5.73
C ASP B 167 7.62 24.88 4.37
N LEU B 168 8.69 24.37 3.80
CA LEU B 168 8.61 23.70 2.51
C LEU B 168 7.91 22.35 2.70
N GLN B 169 7.13 21.94 1.70
CA GLN B 169 6.36 20.71 1.80
C GLN B 169 7.09 19.40 1.63
N GLU B 170 7.93 19.29 0.60
CA GLU B 170 8.63 18.03 0.34
C GLU B 170 10.12 18.17 0.06
N PHE B 171 10.89 17.32 0.74
CA PHE B 171 12.34 17.27 0.56
C PHE B 171 12.57 15.87 0.00
N MET B 172 12.90 15.81 -1.29
CA MET B 172 13.08 14.56 -2.00
C MET B 172 14.51 14.24 -2.43
N ILE B 173 14.79 12.95 -2.56
CA ILE B 173 16.08 12.48 -3.04
C ILE B 173 15.83 11.88 -4.42
N MET B 174 16.76 12.12 -5.36
CA MET B 174 16.67 11.62 -6.73
C MET B 174 17.94 10.85 -7.08
N PRO B 175 17.85 9.52 -7.21
CA PRO B 175 19.01 8.69 -7.55
C PRO B 175 19.40 8.76 -9.03
N VAL B 176 19.75 9.96 -9.49
CA VAL B 176 20.12 10.15 -10.88
C VAL B 176 21.36 9.35 -11.29
N GLY B 177 22.18 8.98 -10.31
CA GLY B 177 23.39 8.22 -10.60
C GLY B 177 23.20 6.72 -10.73
N ALA B 178 21.99 6.22 -10.48
CA ALA B 178 21.74 4.78 -10.59
C ALA B 178 21.79 4.41 -12.08
N THR B 179 21.98 3.13 -12.38
CA THR B 179 22.05 2.67 -13.78
C THR B 179 20.80 1.92 -14.23
N SER B 180 19.81 1.83 -13.36
CA SER B 180 18.55 1.15 -13.67
C SER B 180 17.52 1.56 -12.62
N ILE B 181 16.24 1.30 -12.92
CA ILE B 181 15.19 1.65 -11.98
C ILE B 181 15.32 0.75 -10.74
N SER B 182 15.74 -0.49 -10.97
CA SER B 182 15.94 -1.44 -9.88
C SER B 182 16.95 -0.89 -8.89
N GLU B 183 18.08 -0.41 -9.42
CA GLU B 183 19.13 0.15 -8.59
C GLU B 183 18.67 1.46 -7.95
N ALA B 184 17.87 2.23 -8.69
CA ALA B 184 17.37 3.50 -8.18
C ALA B 184 16.49 3.26 -6.95
N VAL B 185 15.61 2.26 -7.04
CA VAL B 185 14.73 1.94 -5.93
C VAL B 185 15.58 1.49 -4.74
N ARG B 186 16.60 0.67 -5.01
CA ARG B 186 17.47 0.20 -3.94
C ARG B 186 18.18 1.37 -3.28
N MET B 187 18.79 2.25 -4.08
CA MET B 187 19.49 3.41 -3.53
C MET B 187 18.55 4.21 -2.64
N GLY B 188 17.34 4.47 -3.15
CA GLY B 188 16.37 5.23 -2.40
C GLY B 188 16.06 4.56 -1.07
N SER B 189 15.84 3.25 -1.10
CA SER B 189 15.54 2.51 0.11
C SER B 189 16.69 2.56 1.12
N GLU B 190 17.91 2.36 0.64
CA GLU B 190 19.06 2.38 1.52
C GLU B 190 19.24 3.74 2.19
N VAL B 191 19.13 4.81 1.42
CA VAL B 191 19.26 6.15 1.98
C VAL B 191 18.13 6.39 2.98
N TYR B 192 16.94 5.91 2.63
CA TYR B 192 15.76 6.05 3.49
C TYR B 192 15.99 5.38 4.84
N HIS B 193 16.55 4.18 4.84
CA HIS B 193 16.79 3.50 6.10
C HIS B 193 17.94 4.13 6.90
N VAL B 194 18.92 4.68 6.21
CA VAL B 194 20.02 5.34 6.92
C VAL B 194 19.42 6.57 7.59
N LEU B 195 18.59 7.28 6.84
CA LEU B 195 17.91 8.48 7.33
C LEU B 195 17.10 8.14 8.57
N LYS B 196 16.37 7.02 8.52
CA LYS B 196 15.55 6.61 9.65
C LYS B 196 16.41 6.43 10.90
N ASN B 197 17.56 5.77 10.77
CA ASN B 197 18.45 5.54 11.91
C ASN B 197 19.06 6.83 12.45
N VAL B 198 19.38 7.76 11.56
CA VAL B 198 19.96 9.03 11.97
C VAL B 198 18.94 9.82 12.79
N ILE B 199 17.68 9.77 12.36
CA ILE B 199 16.62 10.47 13.06
C ILE B 199 16.39 9.83 14.43
N LEU B 200 16.46 8.50 14.48
CA LEU B 200 16.28 7.77 15.72
C LEU B 200 17.33 8.14 16.76
N GLU B 201 18.60 8.08 16.36
CA GLU B 201 19.70 8.39 17.25
C GLU B 201 19.78 9.87 17.64
N LYS B 202 19.23 10.74 16.80
CA LYS B 202 19.26 12.17 17.08
C LYS B 202 18.02 12.69 17.81
N TYR B 203 16.85 12.23 17.38
CA TYR B 203 15.61 12.71 17.95
C TYR B 203 14.78 11.74 18.78
N GLY B 204 15.22 10.48 18.88
CA GLY B 204 14.49 9.53 19.68
C GLY B 204 13.58 8.57 18.93
N LYS B 205 13.17 7.54 19.64
CA LYS B 205 12.31 6.49 19.11
C LYS B 205 10.91 6.96 18.72
N ASN B 206 10.50 8.13 19.18
CA ASN B 206 9.17 8.64 18.87
C ASN B 206 9.15 9.59 17.67
N ALA B 207 10.24 9.64 16.93
CA ALA B 207 10.32 10.54 15.78
C ALA B 207 10.39 9.87 14.40
N VAL B 208 10.11 8.57 14.32
CA VAL B 208 10.19 7.91 13.03
C VAL B 208 8.89 7.37 12.44
N ASN B 209 7.75 7.87 12.90
CA ASN B 209 6.48 7.46 12.33
C ASN B 209 6.41 8.22 11.01
N VAL B 210 5.61 7.76 10.06
CA VAL B 210 5.57 8.40 8.75
C VAL B 210 4.31 9.17 8.37
N GLY B 211 4.47 10.07 7.40
CA GLY B 211 3.36 10.87 6.90
C GLY B 211 2.62 10.13 5.82
N ASP B 212 1.66 10.80 5.19
CA ASP B 212 0.85 10.18 4.15
C ASP B 212 1.61 9.50 3.01
N GLU B 213 2.75 10.08 2.63
CA GLU B 213 3.53 9.52 1.53
C GLU B 213 4.73 8.68 1.96
N GLY B 214 4.79 8.32 3.24
CA GLY B 214 5.87 7.47 3.71
C GLY B 214 7.13 8.14 4.23
N GLY B 215 7.20 9.46 4.11
CA GLY B 215 8.38 10.17 4.58
C GLY B 215 8.34 10.45 6.07
N PHE B 216 9.48 10.86 6.62
CA PHE B 216 9.58 11.17 8.04
C PHE B 216 9.34 12.65 8.27
N ALA B 217 9.06 13.01 9.52
CA ALA B 217 8.82 14.39 9.89
C ALA B 217 9.64 14.74 11.12
N PRO B 218 10.97 14.77 10.99
CA PRO B 218 11.81 15.09 12.14
C PRO B 218 11.49 16.50 12.63
N PRO B 219 11.74 16.80 13.91
CA PRO B 219 11.47 18.11 14.49
C PRO B 219 12.43 19.20 14.01
N LEU B 220 12.34 19.56 12.73
CA LEU B 220 13.21 20.56 12.16
C LEU B 220 12.46 21.88 11.95
N LYS B 221 13.21 22.97 11.79
CA LYS B 221 12.61 24.29 11.60
C LYS B 221 13.08 25.03 10.35
N THR B 222 14.20 24.61 9.78
CA THR B 222 14.71 25.29 8.59
C THR B 222 15.07 24.33 7.44
N SER B 223 14.97 24.82 6.21
CA SER B 223 15.29 24.00 5.05
C SER B 223 16.72 23.47 5.15
N ARG B 224 17.64 24.31 5.60
CA ARG B 224 19.03 23.87 5.74
C ARG B 224 19.17 22.68 6.68
N GLU B 225 18.39 22.68 7.75
CA GLU B 225 18.43 21.57 8.69
C GLU B 225 17.99 20.30 7.97
N ALA B 226 16.89 20.41 7.21
CA ALA B 226 16.36 19.28 6.46
C ALA B 226 17.38 18.80 5.42
N LEU B 227 17.94 19.74 4.67
CA LEU B 227 18.92 19.42 3.63
C LEU B 227 20.21 18.85 4.21
N ASP B 228 20.60 19.29 5.40
CA ASP B 228 21.82 18.78 6.02
C ASP B 228 21.60 17.33 6.41
N LEU B 229 20.40 17.03 6.88
CA LEU B 229 20.05 15.68 7.28
C LEU B 229 20.08 14.75 6.07
N LEU B 230 19.55 15.22 4.93
CA LEU B 230 19.56 14.39 3.73
C LEU B 230 21.00 14.20 3.27
N THR B 231 21.79 15.27 3.36
CA THR B 231 23.20 15.22 2.96
C THR B 231 23.94 14.20 3.82
N GLU B 232 23.70 14.26 5.12
CA GLU B 232 24.33 13.35 6.07
C GLU B 232 23.93 11.89 5.80
N SER B 233 22.66 11.68 5.49
CA SER B 233 22.16 10.33 5.21
C SER B 233 22.72 9.80 3.90
N VAL B 234 22.69 10.64 2.85
CA VAL B 234 23.20 10.22 1.55
C VAL B 234 24.69 9.87 1.65
N LYS B 235 25.44 10.66 2.42
CA LYS B 235 26.86 10.39 2.57
C LYS B 235 27.07 9.07 3.30
N LYS B 236 26.39 8.87 4.42
CA LYS B 236 26.53 7.62 5.16
C LYS B 236 26.13 6.41 4.31
N ALA B 237 25.18 6.61 3.41
CA ALA B 237 24.72 5.54 2.55
C ALA B 237 25.76 5.27 1.47
N GLY B 238 26.67 6.23 1.26
CA GLY B 238 27.72 6.09 0.27
C GLY B 238 27.32 6.51 -1.15
N TYR B 239 26.30 7.35 -1.27
CA TYR B 239 25.84 7.78 -2.59
C TYR B 239 25.99 9.28 -2.85
N GLU B 240 27.05 9.88 -2.31
CA GLU B 240 27.29 11.31 -2.49
C GLU B 240 27.23 11.72 -3.96
N ASP B 241 27.84 10.91 -4.83
CA ASP B 241 27.88 11.23 -6.25
C ASP B 241 26.74 10.70 -7.11
N GLU B 242 25.80 9.96 -6.52
CA GLU B 242 24.69 9.40 -7.30
C GLU B 242 23.32 9.95 -6.95
N VAL B 243 23.20 10.56 -5.78
CA VAL B 243 21.91 11.10 -5.36
C VAL B 243 21.90 12.62 -5.27
N VAL B 244 20.90 13.24 -5.88
CA VAL B 244 20.75 14.68 -5.83
C VAL B 244 19.41 14.98 -5.17
N PHE B 245 19.07 16.25 -5.02
CA PHE B 245 17.84 16.63 -4.35
C PHE B 245 16.80 17.35 -5.20
N ALA B 246 15.55 17.23 -4.77
CA ALA B 246 14.42 17.88 -5.42
C ALA B 246 13.54 18.43 -4.30
N LEU B 247 12.94 19.59 -4.53
CA LEU B 247 12.09 20.20 -3.53
C LEU B 247 10.70 20.51 -4.07
N ASP B 248 9.71 20.44 -3.19
CA ASP B 248 8.35 20.81 -3.54
C ASP B 248 8.01 21.83 -2.47
N ALA B 249 8.13 23.11 -2.82
CA ALA B 249 7.87 24.18 -1.89
C ALA B 249 6.38 24.37 -1.59
N ALA B 250 5.53 24.14 -2.58
CA ALA B 250 4.09 24.33 -2.39
C ALA B 250 3.91 25.70 -1.75
N ALA B 251 4.62 26.68 -2.28
CA ALA B 251 4.62 28.06 -1.78
C ALA B 251 3.27 28.72 -1.53
N SER B 252 2.22 28.28 -2.22
CA SER B 252 0.91 28.87 -2.01
C SER B 252 0.48 28.68 -0.56
N GLU B 253 0.91 27.57 0.04
CA GLU B 253 0.55 27.26 1.43
C GLU B 253 1.06 28.27 2.45
N PHE B 254 2.16 28.96 2.14
CA PHE B 254 2.68 29.94 3.08
C PHE B 254 2.72 31.35 2.51
N TYR B 255 1.83 31.61 1.55
CA TYR B 255 1.74 32.92 0.91
C TYR B 255 0.50 33.63 1.44
N LYS B 256 0.61 34.93 1.68
CA LYS B 256 -0.53 35.69 2.16
C LYS B 256 -0.36 37.19 1.98
N ASP B 257 -1.29 37.79 1.24
CA ASP B 257 -1.29 39.22 0.98
C ASP B 257 0.05 39.76 0.49
N GLY B 258 0.56 39.17 -0.59
CA GLY B 258 1.81 39.62 -1.17
C GLY B 258 3.09 39.13 -0.52
N TYR B 259 2.99 38.40 0.58
CA TYR B 259 4.19 37.92 1.26
C TYR B 259 4.24 36.42 1.55
N TYR B 260 5.46 35.90 1.63
CA TYR B 260 5.72 34.50 1.92
C TYR B 260 6.32 34.39 3.31
N TYR B 261 5.66 33.64 4.19
CA TYR B 261 6.16 33.48 5.55
C TYR B 261 7.01 32.22 5.70
N VAL B 262 8.32 32.44 5.66
CA VAL B 262 9.29 31.36 5.74
C VAL B 262 10.31 31.57 6.84
N GLU B 263 10.52 30.53 7.64
CA GLU B 263 11.47 30.55 8.74
C GLU B 263 11.36 31.81 9.60
N GLY B 264 10.13 32.08 10.06
CA GLY B 264 9.90 33.24 10.90
C GLY B 264 10.17 34.58 10.25
N LYS B 265 10.08 34.63 8.93
CA LYS B 265 10.31 35.87 8.19
C LYS B 265 9.18 36.16 7.22
N LYS B 266 9.07 37.42 6.82
CA LYS B 266 8.05 37.86 5.89
C LYS B 266 8.81 38.31 4.64
N LEU B 267 8.77 37.49 3.60
CA LEU B 267 9.50 37.77 2.36
C LEU B 267 8.65 38.11 1.16
N THR B 268 9.20 38.94 0.28
CA THR B 268 8.51 39.31 -0.95
C THR B 268 8.92 38.23 -1.95
N ARG B 269 8.26 38.19 -3.10
CA ARG B 269 8.59 37.20 -4.13
C ARG B 269 10.09 37.19 -4.40
N GLU B 270 10.65 38.37 -4.62
CA GLU B 270 12.06 38.49 -4.92
C GLU B 270 12.99 38.00 -3.81
N GLU B 271 12.60 38.19 -2.55
CA GLU B 271 13.44 37.73 -1.45
C GLU B 271 13.37 36.21 -1.35
N LEU B 272 12.19 35.65 -1.61
CA LEU B 272 12.01 34.19 -1.57
C LEU B 272 12.86 33.57 -2.68
N LEU B 273 12.95 34.28 -3.80
CA LEU B 273 13.74 33.79 -4.92
C LEU B 273 15.21 33.66 -4.49
N ASP B 274 15.72 34.66 -3.78
CA ASP B 274 17.10 34.61 -3.30
C ASP B 274 17.26 33.48 -2.28
N TYR B 275 16.18 33.22 -1.55
CA TYR B 275 16.16 32.14 -0.55
C TYR B 275 16.44 30.83 -1.28
N TYR B 276 15.69 30.58 -2.34
CA TYR B 276 15.85 29.37 -3.14
C TYR B 276 17.23 29.34 -3.77
N LYS B 277 17.64 30.48 -4.34
CA LYS B 277 18.93 30.57 -4.98
C LYS B 277 20.08 30.19 -4.04
N ALA B 278 20.01 30.65 -2.79
CA ALA B 278 21.05 30.33 -1.82
C ALA B 278 21.09 28.84 -1.53
N LEU B 279 19.93 28.21 -1.46
CA LEU B 279 19.86 26.78 -1.20
C LEU B 279 20.46 26.00 -2.36
N VAL B 280 20.09 26.37 -3.57
CA VAL B 280 20.59 25.70 -4.77
C VAL B 280 22.10 25.81 -4.85
N ASP B 281 22.64 26.95 -4.41
CA ASP B 281 24.08 27.16 -4.44
C ASP B 281 24.81 26.34 -3.38
N GLU B 282 24.12 25.99 -2.31
CA GLU B 282 24.73 25.21 -1.23
C GLU B 282 24.49 23.71 -1.31
N TYR B 283 23.42 23.30 -1.98
CA TYR B 283 23.08 21.87 -2.09
C TYR B 283 22.77 21.48 -3.53
N PRO B 284 22.97 20.18 -3.87
CA PRO B 284 22.70 19.67 -5.21
C PRO B 284 21.21 19.53 -5.50
N ILE B 285 20.50 20.65 -5.45
CA ILE B 285 19.06 20.69 -5.72
C ILE B 285 18.90 20.88 -7.24
N VAL B 286 18.35 19.88 -7.91
CA VAL B 286 18.17 19.95 -9.36
C VAL B 286 16.75 20.30 -9.81
N SER B 287 15.82 20.39 -8.87
CA SER B 287 14.44 20.69 -9.22
C SER B 287 13.66 21.28 -8.04
N ILE B 288 12.85 22.30 -8.33
CA ILE B 288 12.02 22.92 -7.31
C ILE B 288 10.61 23.07 -7.86
N GLU B 289 9.66 22.48 -7.13
CA GLU B 289 8.25 22.50 -7.53
C GLU B 289 7.50 23.62 -6.81
N ASP B 290 6.65 24.33 -7.56
CA ASP B 290 5.85 25.44 -7.03
C ASP B 290 6.60 26.39 -6.11
N PRO B 291 7.65 27.06 -6.62
CA PRO B 291 8.43 28.00 -5.81
C PRO B 291 7.61 29.22 -5.38
N PHE B 292 6.60 29.57 -6.17
CA PHE B 292 5.74 30.70 -5.86
C PHE B 292 4.28 30.29 -5.88
N HIS B 293 3.38 31.18 -5.46
CA HIS B 293 1.96 30.83 -5.42
C HIS B 293 1.35 30.50 -6.79
N GLU B 294 0.29 29.70 -6.74
CA GLU B 294 -0.44 29.19 -7.91
C GLU B 294 -0.91 30.14 -9.02
N GLU B 295 -0.80 31.45 -8.81
CA GLU B 295 -1.23 32.39 -9.82
C GLU B 295 -0.10 33.31 -10.27
N ASP B 296 1.09 33.10 -9.69
CA ASP B 296 2.24 33.94 -10.01
C ASP B 296 3.05 33.49 -11.22
N PHE B 297 2.43 33.53 -12.39
CA PHE B 297 3.13 33.15 -13.62
C PHE B 297 4.40 33.98 -13.79
N GLU B 298 4.28 35.29 -13.56
CA GLU B 298 5.43 36.18 -13.69
C GLU B 298 6.58 35.71 -12.80
N GLY B 299 6.27 35.39 -11.54
CA GLY B 299 7.30 34.92 -10.62
C GLY B 299 8.00 33.65 -11.09
N PHE B 300 7.22 32.71 -11.63
CA PHE B 300 7.77 31.46 -12.13
C PHE B 300 8.73 31.73 -13.29
N ALA B 301 8.36 32.65 -14.17
CA ALA B 301 9.21 33.00 -15.31
C ALA B 301 10.52 33.58 -14.82
N MET B 302 10.45 34.39 -13.75
CA MET B 302 11.64 35.01 -13.18
C MET B 302 12.63 34.00 -12.65
N ILE B 303 12.18 33.09 -11.80
CA ILE B 303 13.07 32.09 -11.23
C ILE B 303 13.55 31.09 -12.27
N THR B 304 12.71 30.81 -13.27
CA THR B 304 13.09 29.88 -14.33
C THR B 304 14.24 30.47 -15.13
N LYS B 305 14.21 31.78 -15.33
CA LYS B 305 15.26 32.47 -16.08
C LYS B 305 16.54 32.66 -15.25
N GLU B 306 16.37 33.03 -13.98
CA GLU B 306 17.51 33.27 -13.10
C GLU B 306 18.29 32.03 -12.66
N LEU B 307 17.59 30.92 -12.47
CA LEU B 307 18.24 29.69 -12.05
C LEU B 307 18.49 28.77 -13.24
N ASP B 308 19.38 27.80 -13.07
CA ASP B 308 19.70 26.87 -14.14
C ASP B 308 19.29 25.45 -13.76
N ILE B 309 18.10 25.31 -13.18
CA ILE B 309 17.59 24.00 -12.78
C ILE B 309 16.15 23.83 -13.26
N GLN B 310 15.53 22.71 -12.87
CA GLN B 310 14.16 22.46 -13.26
C GLN B 310 13.22 23.18 -12.32
N ILE B 311 12.22 23.85 -12.87
CA ILE B 311 11.21 24.56 -12.09
C ILE B 311 9.90 23.93 -12.49
N VAL B 312 9.29 23.18 -11.57
CA VAL B 312 8.04 22.49 -11.85
C VAL B 312 6.78 23.23 -11.46
N GLY B 313 5.85 23.32 -12.41
CA GLY B 313 4.58 23.96 -12.13
C GLY B 313 3.59 22.86 -11.79
N ASP B 314 3.02 22.93 -10.59
CA ASP B 314 2.04 21.94 -10.13
C ASP B 314 0.72 22.68 -9.92
N ASP B 315 0.60 23.35 -8.78
CA ASP B 315 -0.62 24.11 -8.50
C ASP B 315 -0.77 25.21 -9.54
N LEU B 316 0.34 25.70 -10.06
CA LEU B 316 0.32 26.76 -11.06
C LEU B 316 -0.47 26.33 -12.30
N PHE B 317 -0.29 25.08 -12.71
CA PHE B 317 -0.95 24.54 -13.90
C PHE B 317 -2.14 23.61 -13.61
N VAL B 318 -2.12 22.96 -12.45
CA VAL B 318 -3.14 22.00 -12.07
C VAL B 318 -3.54 21.13 -13.27
N THR B 319 -2.51 20.69 -13.99
CA THR B 319 -2.66 19.85 -15.17
C THR B 319 -3.75 20.35 -16.12
N ASN B 320 -3.81 21.66 -16.29
CA ASN B 320 -4.79 22.29 -17.18
C ASN B 320 -4.08 22.79 -18.43
N VAL B 321 -4.47 22.26 -19.59
CA VAL B 321 -3.86 22.62 -20.88
C VAL B 321 -3.77 24.13 -21.12
N GLU B 322 -4.86 24.85 -20.85
CA GLU B 322 -4.89 26.30 -21.05
C GLU B 322 -3.87 27.01 -20.17
N ARG B 323 -3.80 26.62 -18.90
CA ARG B 323 -2.86 27.23 -17.98
C ARG B 323 -1.43 26.89 -18.37
N LEU B 324 -1.21 25.69 -18.89
CA LEU B 324 0.12 25.28 -19.32
C LEU B 324 0.55 26.10 -20.53
N ARG B 325 -0.38 26.32 -21.46
CA ARG B 325 -0.08 27.10 -22.65
C ARG B 325 0.32 28.51 -22.26
N LYS B 326 -0.41 29.10 -21.31
CA LYS B 326 -0.10 30.44 -20.84
C LYS B 326 1.29 30.47 -20.24
N GLY B 327 1.61 29.44 -19.45
CA GLY B 327 2.93 29.37 -18.85
C GLY B 327 4.02 29.26 -19.89
N ILE B 328 3.80 28.44 -20.90
CA ILE B 328 4.78 28.26 -21.97
C ILE B 328 5.06 29.58 -22.69
N GLU B 329 4.00 30.31 -23.01
CA GLU B 329 4.15 31.59 -23.71
C GLU B 329 4.89 32.62 -22.87
N MET B 330 4.81 32.50 -21.55
CA MET B 330 5.49 33.42 -20.65
C MET B 330 6.81 32.86 -20.15
N LYS B 331 7.15 31.65 -20.57
CA LYS B 331 8.38 31.01 -20.15
C LYS B 331 8.38 30.82 -18.62
N ALA B 332 7.19 30.55 -18.09
CA ALA B 332 7.01 30.32 -16.66
C ALA B 332 7.20 28.82 -16.41
N ALA B 333 8.23 28.48 -15.64
CA ALA B 333 8.57 27.10 -15.32
C ALA B 333 9.11 26.40 -16.57
N ASN B 334 9.63 25.19 -16.39
CA ASN B 334 10.15 24.41 -17.51
C ASN B 334 9.84 22.93 -17.34
N ALA B 335 8.83 22.66 -16.53
CA ALA B 335 8.37 21.30 -16.26
C ALA B 335 6.93 21.32 -15.78
N LEU B 336 6.18 20.28 -16.12
CA LEU B 336 4.78 20.13 -15.73
C LEU B 336 4.63 18.95 -14.78
N LEU B 337 3.91 19.15 -13.67
CA LEU B 337 3.65 18.05 -12.74
C LEU B 337 2.33 17.49 -13.26
N LEU B 338 2.36 16.27 -13.77
CA LEU B 338 1.19 15.64 -14.34
C LEU B 338 0.40 14.77 -13.37
N LYS B 339 -0.81 15.23 -13.03
CA LYS B 339 -1.72 14.50 -12.15
C LYS B 339 -2.95 14.19 -12.99
N VAL B 340 -3.03 12.95 -13.48
CA VAL B 340 -4.14 12.57 -14.32
C VAL B 340 -5.53 12.88 -13.76
N ASN B 341 -5.72 12.70 -12.45
CA ASN B 341 -7.04 12.95 -11.88
C ASN B 341 -7.35 14.43 -11.68
N GLN B 342 -6.38 15.27 -12.05
CA GLN B 342 -6.56 16.71 -11.93
C GLN B 342 -7.20 17.20 -13.23
N ILE B 343 -7.07 16.40 -14.29
CA ILE B 343 -7.66 16.76 -15.56
C ILE B 343 -8.87 15.87 -15.91
N GLY B 344 -8.79 14.56 -15.60
CA GLY B 344 -10.06 13.78 -15.68
C GLY B 344 -10.04 12.60 -16.70
N THR B 345 -9.29 12.72 -17.82
CA THR B 345 -9.25 11.59 -18.78
C THR B 345 -7.83 11.34 -19.23
N LEU B 346 -7.57 10.12 -19.71
CA LEU B 346 -6.26 9.74 -20.21
C LEU B 346 -5.89 10.60 -21.43
N SER B 347 -6.86 10.77 -22.33
CA SER B 347 -6.65 11.55 -23.55
C SER B 347 -6.17 12.97 -23.26
N GLU B 348 -6.85 13.63 -22.32
CA GLU B 348 -6.48 15.00 -21.97
C GLU B 348 -5.13 15.07 -21.27
N ALA B 349 -4.88 14.10 -20.40
CA ALA B 349 -3.62 14.05 -19.66
C ALA B 349 -2.44 13.90 -20.62
N VAL B 350 -2.58 13.02 -21.59
CA VAL B 350 -1.50 12.80 -22.56
C VAL B 350 -1.33 14.02 -23.46
N ASP B 351 -2.44 14.69 -23.80
CA ASP B 351 -2.35 15.89 -24.62
C ASP B 351 -1.57 16.96 -23.87
N ALA B 352 -1.81 17.05 -22.56
CA ALA B 352 -1.10 18.04 -21.74
C ALA B 352 0.38 17.71 -21.71
N ALA B 353 0.70 16.42 -21.59
CA ALA B 353 2.08 15.99 -21.56
C ALA B 353 2.78 16.34 -22.88
N GLN B 354 2.10 16.10 -23.99
CA GLN B 354 2.68 16.41 -25.30
C GLN B 354 2.94 17.90 -25.47
N LEU B 355 1.98 18.73 -25.05
CA LEU B 355 2.15 20.17 -25.16
C LEU B 355 3.40 20.60 -24.40
N ALA B 356 3.59 20.02 -23.21
CA ALA B 356 4.75 20.35 -22.40
C ALA B 356 6.03 19.87 -23.08
N PHE B 357 6.07 18.58 -23.42
CA PHE B 357 7.21 17.98 -24.08
C PHE B 357 7.67 18.77 -25.30
N ARG B 358 6.72 19.05 -26.18
CA ARG B 358 7.00 19.75 -27.43
C ARG B 358 7.43 21.20 -27.31
N ASN B 359 7.42 21.72 -26.09
CA ASN B 359 7.85 23.09 -25.86
C ASN B 359 9.04 23.13 -24.90
N GLY B 360 9.76 22.02 -24.85
CA GLY B 360 10.94 21.93 -24.01
C GLY B 360 10.72 21.75 -22.53
N TYR B 361 9.48 21.47 -22.13
CA TYR B 361 9.18 21.27 -20.71
C TYR B 361 9.34 19.80 -20.32
N GLY B 362 9.77 19.57 -19.09
CA GLY B 362 9.89 18.21 -18.61
C GLY B 362 8.51 17.83 -18.11
N VAL B 363 8.29 16.55 -17.86
CA VAL B 363 7.00 16.10 -17.36
C VAL B 363 7.24 15.13 -16.22
N VAL B 364 6.72 15.46 -15.05
CA VAL B 364 6.87 14.61 -13.88
C VAL B 364 5.51 13.97 -13.61
N VAL B 365 5.40 12.67 -13.88
CA VAL B 365 4.15 11.94 -13.65
C VAL B 365 4.03 11.80 -12.14
N SER B 366 2.91 12.24 -11.59
CA SER B 366 2.76 12.25 -10.15
C SER B 366 1.61 11.49 -9.51
N HIS B 367 1.81 11.14 -8.24
CA HIS B 367 0.83 10.45 -7.43
C HIS B 367 0.05 11.58 -6.74
N ARG B 368 -0.87 11.21 -5.85
CA ARG B 368 -1.62 12.18 -5.07
C ARG B 368 -1.39 11.77 -3.61
N SER B 369 -1.71 12.66 -2.67
CA SER B 369 -1.53 12.37 -1.24
C SER B 369 -2.30 11.12 -0.82
N GLY B 370 -3.50 10.98 -1.35
CA GLY B 370 -4.30 9.80 -1.06
C GLY B 370 -4.15 8.88 -2.26
N GLU B 371 -3.36 7.83 -2.11
CA GLU B 371 -3.14 6.90 -3.22
C GLU B 371 -3.83 5.56 -2.98
N THR B 372 -3.68 4.66 -3.93
CA THR B 372 -4.29 3.33 -3.81
C THR B 372 -3.28 2.30 -4.29
N GLU B 373 -3.71 1.04 -4.34
CA GLU B 373 -2.83 -0.03 -4.81
C GLU B 373 -2.71 -0.01 -6.32
N ASP B 374 -3.41 0.91 -6.99
CA ASP B 374 -3.36 1.04 -8.44
C ASP B 374 -1.95 1.50 -8.84
N THR B 375 -1.42 0.96 -9.94
CA THR B 375 -0.06 1.33 -10.35
C THR B 375 0.02 1.93 -11.75
N THR B 376 -1.10 2.44 -12.25
CA THR B 376 -1.16 3.01 -13.59
C THR B 376 -0.09 4.06 -13.91
N ILE B 377 0.22 4.94 -12.95
CA ILE B 377 1.21 5.98 -13.22
C ILE B 377 2.59 5.41 -13.52
N ALA B 378 2.87 4.19 -13.07
CA ALA B 378 4.17 3.57 -13.37
C ALA B 378 4.21 3.32 -14.89
N ASP B 379 3.18 2.65 -15.39
CA ASP B 379 3.11 2.38 -16.83
C ASP B 379 3.03 3.67 -17.64
N LEU B 380 2.32 4.66 -17.11
CA LEU B 380 2.20 5.93 -17.82
C LEU B 380 3.53 6.65 -17.97
N SER B 381 4.34 6.66 -16.91
CA SER B 381 5.63 7.35 -16.98
C SER B 381 6.52 6.72 -18.05
N VAL B 382 6.42 5.41 -18.23
CA VAL B 382 7.22 4.71 -19.22
C VAL B 382 6.61 4.92 -20.62
N ALA B 383 5.29 4.88 -20.70
CA ALA B 383 4.60 5.10 -21.96
C ALA B 383 4.97 6.47 -22.53
N LEU B 384 5.07 7.46 -21.64
CA LEU B 384 5.43 8.82 -22.04
C LEU B 384 6.93 9.06 -22.08
N ASN B 385 7.72 8.09 -21.62
CA ASN B 385 9.17 8.27 -21.58
C ASN B 385 9.45 9.60 -20.89
N SER B 386 8.74 9.85 -19.79
CA SER B 386 8.87 11.12 -19.05
C SER B 386 10.25 11.31 -18.42
N GLY B 387 10.90 10.22 -18.06
CA GLY B 387 12.22 10.31 -17.45
C GLY B 387 12.18 10.62 -15.96
N GLN B 388 11.00 10.96 -15.45
CA GLN B 388 10.85 11.27 -14.03
C GLN B 388 9.47 10.98 -13.49
N ILE B 389 9.43 10.54 -12.24
CA ILE B 389 8.18 10.22 -11.59
C ILE B 389 8.27 10.61 -10.12
N LYS B 390 7.15 11.03 -9.55
CA LYS B 390 7.09 11.40 -8.14
C LYS B 390 5.98 10.55 -7.55
N THR B 391 6.37 9.48 -6.86
CA THR B 391 5.36 8.60 -6.28
C THR B 391 5.60 8.17 -4.83
N GLY B 392 6.28 9.04 -4.06
CA GLY B 392 6.51 8.77 -2.65
C GLY B 392 7.81 8.21 -2.14
N ALA B 393 7.89 8.08 -0.81
CA ALA B 393 9.06 7.52 -0.17
C ALA B 393 8.98 6.03 -0.47
N PRO B 394 10.09 5.30 -0.30
CA PRO B 394 10.09 3.85 -0.56
C PRO B 394 9.48 3.08 0.60
N ALA B 395 8.30 3.50 1.03
CA ALA B 395 7.58 2.88 2.14
C ALA B 395 6.09 3.16 1.96
N ARG B 396 5.26 2.27 2.49
CA ARG B 396 3.79 2.34 2.40
C ARG B 396 3.41 1.69 1.07
N GLY B 397 2.57 0.67 1.15
CA GLY B 397 2.15 -0.06 -0.04
C GLY B 397 1.62 0.71 -1.23
N GLU B 398 0.94 1.83 -1.00
CA GLU B 398 0.41 2.60 -2.10
C GLU B 398 1.52 3.33 -2.87
N ARG B 399 2.73 3.33 -2.30
CA ARG B 399 3.87 3.94 -2.96
C ARG B 399 4.76 2.82 -3.51
N THR B 400 5.10 1.85 -2.66
CA THR B 400 5.96 0.75 -3.07
C THR B 400 5.38 -0.07 -4.21
N ALA B 401 4.05 -0.09 -4.33
CA ALA B 401 3.42 -0.84 -5.42
C ALA B 401 3.84 -0.24 -6.76
N LYS B 402 4.00 1.08 -6.82
CA LYS B 402 4.43 1.73 -8.07
C LYS B 402 5.88 1.35 -8.37
N TYR B 403 6.73 1.41 -7.36
CA TYR B 403 8.14 1.05 -7.54
C TYR B 403 8.26 -0.39 -8.02
N ASN B 404 7.46 -1.28 -7.45
CA ASN B 404 7.50 -2.68 -7.88
C ASN B 404 7.06 -2.83 -9.33
N GLN B 405 6.06 -2.05 -9.74
CA GLN B 405 5.58 -2.11 -11.11
C GLN B 405 6.68 -1.61 -12.04
N LEU B 406 7.39 -0.56 -11.63
CA LEU B 406 8.47 -0.05 -12.47
C LEU B 406 9.54 -1.15 -12.63
N ILE B 407 9.84 -1.85 -11.53
CA ILE B 407 10.82 -2.94 -11.58
C ILE B 407 10.33 -4.03 -12.55
N ARG B 408 9.04 -4.33 -12.52
CA ARG B 408 8.48 -5.35 -13.42
C ARG B 408 8.57 -4.94 -14.88
N ILE B 409 8.23 -3.69 -15.16
CA ILE B 409 8.28 -3.17 -16.53
C ILE B 409 9.71 -3.20 -17.05
N GLU B 410 10.65 -2.78 -16.21
CA GLU B 410 12.06 -2.76 -16.59
C GLU B 410 12.52 -4.16 -16.98
N GLN B 411 12.09 -5.16 -16.23
CA GLN B 411 12.47 -6.54 -16.52
C GLN B 411 11.80 -7.08 -17.77
N GLU B 412 10.53 -6.72 -17.96
CA GLU B 412 9.79 -7.19 -19.13
C GLU B 412 10.36 -6.63 -20.43
N LEU B 413 10.86 -5.40 -20.37
CA LEU B 413 11.44 -4.74 -21.52
C LEU B 413 12.68 -5.41 -22.09
N GLY B 414 13.56 -5.89 -21.22
CA GLY B 414 14.78 -6.51 -21.72
C GLY B 414 15.78 -5.40 -21.97
N LEU B 415 15.51 -4.59 -23.00
CA LEU B 415 16.34 -3.44 -23.32
C LEU B 415 15.58 -2.22 -22.85
N SER B 416 16.07 -1.57 -21.82
CA SER B 416 15.43 -0.37 -21.31
C SER B 416 16.50 0.67 -21.08
N LYS B 417 16.08 1.91 -20.86
CA LYS B 417 17.02 2.98 -20.63
C LYS B 417 16.60 3.73 -19.39
N TYR B 418 17.51 3.83 -18.42
CA TYR B 418 17.20 4.57 -17.20
C TYR B 418 17.58 6.02 -17.51
N ALA B 419 16.62 6.93 -17.38
CA ALA B 419 16.86 8.34 -17.68
C ALA B 419 18.09 8.92 -16.99
N GLY B 420 18.32 8.53 -15.74
CA GLY B 420 19.47 9.02 -15.01
C GLY B 420 19.59 10.53 -14.92
N ARG B 421 20.78 11.06 -15.25
CA ARG B 421 20.98 12.50 -15.18
C ARG B 421 20.30 13.24 -16.33
N ASN B 422 19.79 12.50 -17.30
CA ASN B 422 19.07 13.10 -18.42
C ASN B 422 17.58 12.95 -18.17
N PHE B 423 17.17 13.11 -16.91
CA PHE B 423 15.77 12.96 -16.54
C PHE B 423 14.82 13.93 -17.21
N ARG B 424 15.29 15.11 -17.56
CA ARG B 424 14.44 16.11 -18.19
C ARG B 424 14.08 15.70 -19.63
N CYS B 425 15.10 15.29 -20.40
CA CYS B 425 14.90 14.86 -21.77
C CYS B 425 15.80 13.65 -22.02
N PRO B 426 15.28 12.44 -21.76
CA PRO B 426 16.01 11.19 -21.93
C PRO B 426 16.22 10.69 -23.36
N PHE B 427 16.54 11.60 -24.27
CA PHE B 427 16.79 11.23 -25.67
C PHE B 427 18.03 11.93 -26.21
#